data_8WEV
#
_entry.id   8WEV
#
_cell.length_a   114.764
_cell.length_b   132.100
_cell.length_c   161.995
_cell.angle_alpha   90.00
_cell.angle_beta   90.00
_cell.angle_gamma   90.00
#
_symmetry.space_group_name_H-M   'I 21 21 21'
#
loop_
_entity.id
_entity.type
_entity.pdbx_description
1 polymer 'Feruloyl-CoA Synthetase'
2 non-polymer 'ADENOSINE MONOPHOSPHATE'
3 non-polymer 'MAGNESIUM ION'
4 water water
#
_entity_poly.entity_id   1
_entity_poly.type   'polypeptide(L)'
_entity_poly.pdbx_seq_one_letter_code
;MRNQGLGSWPVRRARMSPHATAVRHGGTALTYAELSRRVARLAHGLREAGVRPGDRVAYLGPNHPAYLETLFACGQAGAV
FVPLNFRLGVPELDHALADSGASVLIHTPEHAETVAALAGDRLLRVPAGELEAADDEPLDLPVGLDDVCLLMYTSGSTGR
PKGAMLTHGNLTWNCVNVLVETDLASDERALVAAPLFHAAALGMVCLPTLLKGGTVILHSAFDPGAVLSAVEQERVTLVF
GVPTMYQAIAAHPRWRSTDLSSLRTLLCGGAPVPADLAGRYLDRGLAFVQGYGMTEAAPGVLVLDRAHVAEKIGSAGVPS
FFTDVRVAGPSGEPVPPGEKGEIVVSGPNVMKGYWGRPEATAEVLRDGWFRSGDVATVDGDGYFHVVDRLKDMIISGGEN
IYPAEVENELYGYPGVEACAVIGVPDPRWGEVGKAVVVPAAGSRIDGAELLAWLRTRLAGYKVPKSVEFTDRLPTTGSGK
ILKGEVRRRFG
;
_entity_poly.pdbx_strand_id   A,B
#
loop_
_chem_comp.id
_chem_comp.type
_chem_comp.name
_chem_comp.formula
AMP non-polymer 'ADENOSINE MONOPHOSPHATE' 'C10 H14 N5 O7 P'
MG non-polymer 'MAGNESIUM ION' 'Mg 2'
#
# COMPACT_ATOMS: atom_id res chain seq x y z
N MET A 1 1.66 19.15 4.97
CA MET A 1 2.32 17.85 5.37
C MET A 1 1.60 16.71 4.62
N ARG A 2 2.35 16.00 3.78
CA ARG A 2 1.83 14.91 2.92
C ARG A 2 1.71 13.62 3.73
N ASN A 3 2.47 13.48 4.83
CA ASN A 3 2.33 12.30 5.71
C ASN A 3 1.26 12.61 6.80
N GLN A 4 0.06 12.05 6.65
CA GLN A 4 -1.07 12.19 7.62
C GLN A 4 -1.02 11.09 8.70
N GLY A 5 -0.08 10.15 8.56
CA GLY A 5 0.07 8.92 9.37
C GLY A 5 0.93 9.09 10.62
N LEU A 6 1.14 7.98 11.36
CA LEU A 6 1.81 8.00 12.67
C LEU A 6 3.27 8.41 12.44
N GLY A 7 3.80 8.16 11.25
CA GLY A 7 5.17 8.56 10.84
C GLY A 7 5.42 10.05 11.04
N SER A 8 4.38 10.90 10.99
CA SER A 8 4.50 12.38 11.11
C SER A 8 4.32 12.82 12.56
N TRP A 9 4.00 11.90 13.48
CA TRP A 9 3.63 12.32 14.85
C TRP A 9 4.84 12.94 15.56
N PRO A 10 6.04 12.33 15.51
CA PRO A 10 7.22 12.89 16.18
C PRO A 10 7.55 14.30 15.67
N VAL A 11 7.32 14.58 14.40
CA VAL A 11 7.60 15.96 13.88
C VAL A 11 6.48 16.91 14.33
N ARG A 12 5.20 16.50 14.32
CA ARG A 12 4.10 17.38 14.78
C ARG A 12 4.33 17.69 16.26
N ARG A 13 4.71 16.71 17.06
CA ARG A 13 4.89 16.91 18.53
C ARG A 13 6.17 17.70 18.81
N ALA A 14 7.26 17.52 18.06
CA ALA A 14 8.52 18.30 18.24
C ALA A 14 8.24 19.79 18.03
N ARG A 15 7.31 20.15 17.14
CA ARG A 15 6.92 21.57 16.94
C ARG A 15 6.28 22.21 18.18
N MET A 16 5.67 21.44 19.09
CA MET A 16 4.83 21.98 20.21
C MET A 16 5.55 21.85 21.54
N SER A 17 6.20 20.73 21.82
CA SER A 17 6.80 20.46 23.16
C SER A 17 8.17 19.81 22.99
N PRO A 18 9.12 20.48 22.26
CA PRO A 18 10.40 19.86 21.86
C PRO A 18 11.22 19.29 23.02
N HIS A 19 11.24 19.99 24.16
CA HIS A 19 12.11 19.72 25.34
C HIS A 19 11.37 18.92 26.42
N ALA A 20 10.10 18.58 26.22
CA ALA A 20 9.39 17.66 27.15
C ALA A 20 9.88 16.23 26.89
N THR A 21 9.98 15.44 27.96
CA THR A 21 10.37 14.03 27.94
C THR A 21 9.21 13.20 27.39
N ALA A 22 9.47 12.47 26.30
CA ALA A 22 8.47 11.68 25.55
C ALA A 22 8.47 10.24 26.07
N VAL A 23 9.66 9.69 26.28
CA VAL A 23 9.87 8.25 26.56
C VAL A 23 10.95 8.15 27.63
N ARG A 24 10.66 7.41 28.69
CA ARG A 24 11.67 7.04 29.71
C ARG A 24 11.77 5.51 29.81
N HIS A 25 12.99 5.01 29.77
CA HIS A 25 13.32 3.56 29.91
C HIS A 25 14.60 3.45 30.73
N GLY A 26 14.47 3.08 32.02
CA GLY A 26 15.55 3.14 33.02
C GLY A 26 16.25 4.48 32.97
N GLY A 27 17.54 4.48 32.60
CA GLY A 27 18.38 5.70 32.62
C GLY A 27 18.27 6.50 31.33
N THR A 28 17.58 5.98 30.32
CA THR A 28 17.35 6.65 29.01
C THR A 28 16.06 7.48 29.05
N ALA A 29 16.12 8.72 28.59
CA ALA A 29 14.94 9.57 28.32
C ALA A 29 15.13 10.23 26.95
N LEU A 30 14.15 10.10 26.05
CA LEU A 30 14.05 10.93 24.82
C LEU A 30 13.07 12.08 25.10
N THR A 31 13.47 13.29 24.72
CA THR A 31 12.56 14.41 24.50
C THR A 31 11.84 14.18 23.17
N TYR A 32 10.77 14.93 22.88
CA TYR A 32 10.07 14.89 21.58
C TYR A 32 11.06 15.28 20.46
N ALA A 33 11.91 16.28 20.71
CA ALA A 33 12.95 16.73 19.76
C ALA A 33 13.84 15.55 19.36
N GLU A 34 14.29 14.79 20.35
CA GLU A 34 15.26 13.68 20.11
C GLU A 34 14.56 12.52 19.44
N LEU A 35 13.32 12.23 19.86
CA LEU A 35 12.51 11.17 19.21
C LEU A 35 12.40 11.45 17.71
N SER A 36 12.04 12.67 17.33
CA SER A 36 11.85 13.07 15.91
C SER A 36 13.19 12.90 15.18
N ARG A 37 14.29 13.39 15.74
CA ARG A 37 15.64 13.24 15.08
C ARG A 37 15.96 11.75 14.95
N ARG A 38 15.71 10.94 15.97
CA ARG A 38 16.06 9.50 15.89
C ARG A 38 15.16 8.79 14.87
N VAL A 39 13.89 9.14 14.82
CA VAL A 39 12.90 8.48 13.92
C VAL A 39 13.32 8.81 12.49
N ALA A 40 13.67 10.07 12.25
CA ALA A 40 14.08 10.53 10.91
C ALA A 40 15.40 9.86 10.49
N ARG A 41 16.36 9.70 11.40
CA ARG A 41 17.65 9.00 11.11
C ARG A 41 17.33 7.54 10.69
N LEU A 42 16.37 6.90 11.39
CA LEU A 42 16.03 5.47 11.17
C LEU A 42 15.26 5.36 9.85
N ALA A 43 14.31 6.27 9.58
CA ALA A 43 13.54 6.25 8.32
C ALA A 43 14.57 6.34 7.16
N HIS A 44 15.47 7.30 7.19
CA HIS A 44 16.53 7.40 6.13
C HIS A 44 17.33 6.08 6.05
N GLY A 45 17.67 5.52 7.20
CA GLY A 45 18.45 4.27 7.30
C GLY A 45 17.72 3.12 6.65
N LEU A 46 16.41 3.03 6.92
CA LEU A 46 15.56 1.96 6.37
C LEU A 46 15.57 2.08 4.85
N ARG A 47 15.38 3.28 4.32
CA ARG A 47 15.32 3.53 2.85
C ARG A 47 16.68 3.16 2.22
N GLU A 48 17.81 3.47 2.88
CA GLU A 48 19.17 3.07 2.41
C GLU A 48 19.25 1.55 2.37
N ALA A 49 18.53 0.86 3.26
CA ALA A 49 18.57 -0.61 3.31
C ALA A 49 17.57 -1.22 2.32
N GLY A 50 16.90 -0.41 1.48
CA GLY A 50 15.98 -0.83 0.40
C GLY A 50 14.49 -0.79 0.80
N VAL A 51 14.14 -0.26 1.96
CA VAL A 51 12.70 -0.12 2.37
C VAL A 51 12.02 0.94 1.50
N ARG A 52 10.92 0.55 0.87
CA ARG A 52 10.09 1.40 -0.02
C ARG A 52 8.64 1.37 0.49
N PRO A 53 7.76 2.27 0.02
CA PRO A 53 6.37 2.32 0.46
C PRO A 53 5.67 0.96 0.37
N GLY A 54 5.12 0.52 1.50
CA GLY A 54 4.26 -0.68 1.58
C GLY A 54 5.05 -1.89 2.06
N ASP A 55 6.38 -1.79 2.08
CA ASP A 55 7.24 -2.89 2.57
C ASP A 55 6.91 -3.07 4.05
N ARG A 56 7.20 -4.24 4.59
CA ARG A 56 6.97 -4.58 6.01
C ARG A 56 8.31 -4.64 6.75
N VAL A 57 8.38 -3.91 7.88
CA VAL A 57 9.49 -3.95 8.87
C VAL A 57 8.97 -4.54 10.21
N ALA A 58 9.59 -5.59 10.69
CA ALA A 58 9.23 -6.28 11.93
C ALA A 58 10.19 -5.85 13.04
N TYR A 59 9.65 -5.82 14.25
CA TYR A 59 10.41 -5.56 15.51
C TYR A 59 10.22 -6.75 16.44
N LEU A 60 11.34 -7.34 16.89
CA LEU A 60 11.41 -8.41 17.90
C LEU A 60 12.24 -7.92 19.09
N GLY A 61 11.60 -7.80 20.24
CA GLY A 61 12.18 -7.20 21.46
C GLY A 61 11.04 -6.83 22.39
N PRO A 62 11.35 -6.37 23.61
CA PRO A 62 10.32 -6.02 24.59
C PRO A 62 9.93 -4.56 24.42
N ASN A 63 9.12 -4.05 25.32
CA ASN A 63 8.90 -2.59 25.52
C ASN A 63 10.27 -1.91 25.62
N HIS A 64 10.60 -1.04 24.68
CA HIS A 64 11.94 -0.42 24.50
C HIS A 64 11.73 0.78 23.58
N PRO A 65 12.48 1.88 23.76
CA PRO A 65 12.44 2.98 22.81
C PRO A 65 12.46 2.53 21.35
N ALA A 66 13.18 1.44 21.03
CA ALA A 66 13.38 0.96 19.65
C ALA A 66 12.03 0.51 19.09
N TYR A 67 11.09 0.10 19.96
CA TYR A 67 9.71 -0.27 19.53
C TYR A 67 9.10 0.95 18.85
N LEU A 68 9.04 2.06 19.57
CA LEU A 68 8.42 3.35 19.15
C LEU A 68 9.23 3.99 18.01
N GLU A 69 10.56 3.95 18.08
CA GLU A 69 11.43 4.46 16.97
C GLU A 69 11.12 3.71 15.67
N THR A 70 11.00 2.39 15.70
CA THR A 70 10.78 1.54 14.50
C THR A 70 9.35 1.82 14.00
N LEU A 71 8.37 1.86 14.90
CA LEU A 71 6.95 2.19 14.58
C LEU A 71 6.93 3.47 13.74
N PHE A 72 7.43 4.56 14.33
CA PHE A 72 7.33 5.91 13.72
C PHE A 72 8.22 5.96 12.48
N ALA A 73 9.38 5.27 12.49
CA ALA A 73 10.30 5.30 11.32
C ALA A 73 9.62 4.60 10.14
N CYS A 74 8.87 3.54 10.39
CA CYS A 74 8.13 2.81 9.31
C CYS A 74 7.15 3.75 8.64
N GLY A 75 6.32 4.43 9.42
CA GLY A 75 5.38 5.43 8.90
C GLY A 75 6.10 6.48 8.09
N GLN A 76 7.25 6.93 8.57
CA GLN A 76 7.95 8.06 7.90
C GLN A 76 8.50 7.57 6.55
N ALA A 77 8.87 6.29 6.45
CA ALA A 77 9.32 5.61 5.22
C ALA A 77 8.18 5.01 4.40
N GLY A 78 6.91 5.26 4.77
CA GLY A 78 5.74 4.80 3.99
C GLY A 78 5.56 3.32 4.11
N ALA A 79 6.14 2.71 5.14
CA ALA A 79 6.24 1.25 5.32
C ALA A 79 5.25 0.80 6.39
N VAL A 80 5.12 -0.52 6.55
CA VAL A 80 4.15 -1.14 7.49
C VAL A 80 4.95 -1.84 8.58
N PHE A 81 4.66 -1.50 9.84
CA PHE A 81 5.29 -2.04 11.06
C PHE A 81 4.65 -3.38 11.44
N VAL A 82 5.49 -4.31 11.90
CA VAL A 82 5.08 -5.68 12.29
C VAL A 82 5.67 -5.95 13.67
N PRO A 83 4.94 -5.62 14.75
CA PRO A 83 5.38 -5.92 16.11
C PRO A 83 5.13 -7.38 16.46
N LEU A 84 6.20 -8.17 16.50
CA LEU A 84 6.14 -9.63 16.78
C LEU A 84 5.95 -9.88 18.27
N ASN A 85 5.09 -10.85 18.58
CA ASN A 85 5.02 -11.47 19.94
C ASN A 85 6.40 -12.08 20.24
N PHE A 86 7.15 -11.44 21.14
CA PHE A 86 8.57 -11.76 21.45
C PHE A 86 8.71 -13.01 22.32
N ARG A 87 7.59 -13.60 22.78
CA ARG A 87 7.53 -14.87 23.57
C ARG A 87 7.43 -16.08 22.66
N LEU A 88 7.27 -15.91 21.35
CA LEU A 88 7.03 -17.01 20.38
C LEU A 88 8.34 -17.78 20.09
N GLY A 89 8.24 -19.09 19.84
CA GLY A 89 9.33 -19.91 19.29
C GLY A 89 9.54 -19.63 17.80
N VAL A 90 10.63 -20.14 17.23
CA VAL A 90 11.10 -19.74 15.88
C VAL A 90 10.12 -20.25 14.81
N PRO A 91 9.46 -21.43 14.96
CA PRO A 91 8.41 -21.82 14.02
C PRO A 91 7.22 -20.85 13.91
N GLU A 92 6.84 -20.23 15.04
CA GLU A 92 5.70 -19.29 15.10
C GLU A 92 6.15 -17.93 14.53
N LEU A 93 7.40 -17.54 14.80
CA LEU A 93 8.01 -16.29 14.26
C LEU A 93 8.16 -16.44 12.76
N ASP A 94 8.61 -17.61 12.28
CA ASP A 94 8.79 -17.94 10.85
C ASP A 94 7.47 -17.72 10.12
N HIS A 95 6.36 -18.21 10.70
CA HIS A 95 5.00 -18.03 10.16
C HIS A 95 4.69 -16.54 10.06
N ALA A 96 4.88 -15.77 11.13
CA ALA A 96 4.53 -14.33 11.18
C ALA A 96 5.37 -13.57 10.14
N LEU A 97 6.65 -13.89 10.00
CA LEU A 97 7.57 -13.25 9.04
C LEU A 97 7.17 -13.61 7.59
N ALA A 98 6.87 -14.87 7.31
CA ALA A 98 6.44 -15.35 5.97
C ALA A 98 5.08 -14.76 5.59
N ASP A 99 4.10 -14.76 6.49
CA ASP A 99 2.73 -14.26 6.18
C ASP A 99 2.73 -12.75 5.94
N SER A 100 3.37 -11.99 6.85
CA SER A 100 3.63 -10.53 6.77
C SER A 100 4.51 -10.21 5.55
N GLY A 101 5.50 -11.05 5.21
CA GLY A 101 6.53 -10.76 4.18
C GLY A 101 7.46 -9.62 4.58
N ALA A 102 7.76 -9.48 5.87
CA ALA A 102 8.77 -8.54 6.40
C ALA A 102 10.05 -8.70 5.58
N SER A 103 10.66 -7.61 5.11
CA SER A 103 11.96 -7.65 4.38
C SER A 103 13.08 -7.09 5.28
N VAL A 104 12.72 -6.60 6.47
CA VAL A 104 13.67 -6.13 7.52
C VAL A 104 13.14 -6.56 8.90
N LEU A 105 14.02 -7.00 9.79
CA LEU A 105 13.72 -7.36 11.19
C LEU A 105 14.73 -6.65 12.07
N ILE A 106 14.25 -5.79 12.95
CA ILE A 106 15.04 -5.12 13.99
C ILE A 106 14.76 -5.94 15.25
N HIS A 107 15.82 -6.25 15.99
CA HIS A 107 15.77 -7.08 17.22
C HIS A 107 16.74 -6.50 18.23
N THR A 108 16.37 -6.54 19.50
CA THR A 108 17.26 -6.26 20.65
C THR A 108 18.20 -7.45 20.87
N PRO A 109 19.37 -7.23 21.52
CA PRO A 109 20.43 -8.25 21.56
C PRO A 109 20.05 -9.61 22.18
N GLU A 110 19.10 -9.66 23.11
CA GLU A 110 18.67 -10.92 23.77
C GLU A 110 17.99 -11.87 22.77
N HIS A 111 17.63 -11.44 21.56
CA HIS A 111 17.00 -12.32 20.53
C HIS A 111 18.01 -12.70 19.43
N ALA A 112 19.30 -12.43 19.61
CA ALA A 112 20.36 -12.71 18.59
C ALA A 112 20.30 -14.18 18.13
N GLU A 113 20.14 -15.12 19.07
CA GLU A 113 20.04 -16.58 18.78
C GLU A 113 18.72 -16.91 18.05
N THR A 114 17.56 -16.56 18.63
CA THR A 114 16.24 -16.82 17.98
C THR A 114 16.32 -16.32 16.53
N VAL A 115 16.90 -15.14 16.32
CA VAL A 115 16.96 -14.46 15.00
C VAL A 115 17.87 -15.24 14.06
N ALA A 116 18.99 -15.79 14.56
CA ALA A 116 19.94 -16.60 13.75
C ALA A 116 19.25 -17.88 13.21
N ALA A 117 18.22 -18.38 13.89
CA ALA A 117 17.56 -19.66 13.55
C ALA A 117 16.32 -19.45 12.66
N LEU A 118 15.94 -18.20 12.36
CA LEU A 118 14.70 -17.90 11.56
C LEU A 118 14.91 -18.35 10.12
N ALA A 119 13.88 -18.91 9.49
CA ALA A 119 13.82 -19.14 8.04
C ALA A 119 13.91 -17.77 7.34
N GLY A 120 15.08 -17.42 6.82
CA GLY A 120 15.36 -16.12 6.21
C GLY A 120 16.41 -16.24 5.11
N ASP A 121 16.05 -15.84 3.88
CA ASP A 121 17.02 -15.67 2.76
C ASP A 121 16.94 -14.21 2.29
N ARG A 122 15.73 -13.65 2.23
CA ARG A 122 15.45 -12.28 1.73
C ARG A 122 14.94 -11.39 2.88
N LEU A 123 15.28 -11.73 4.13
CA LEU A 123 15.05 -10.91 5.35
C LEU A 123 16.38 -10.28 5.75
N LEU A 124 16.47 -8.96 5.81
CA LEU A 124 17.63 -8.28 6.45
C LEU A 124 17.44 -8.35 7.98
N ARG A 125 18.30 -9.08 8.69
CA ARG A 125 18.33 -9.09 10.17
C ARG A 125 19.22 -7.94 10.67
N VAL A 126 18.68 -7.04 11.51
CA VAL A 126 19.37 -5.81 12.00
C VAL A 126 19.25 -5.69 13.53
N PRO A 127 20.37 -5.60 14.28
CA PRO A 127 20.31 -5.22 15.70
C PRO A 127 19.80 -3.77 15.81
N ALA A 128 18.88 -3.51 16.75
CA ALA A 128 18.38 -2.15 17.07
C ALA A 128 19.56 -1.16 17.19
N GLY A 129 19.50 -0.02 16.50
CA GLY A 129 20.49 1.06 16.60
C GLY A 129 21.59 0.95 15.56
N GLU A 130 21.49 0.06 14.57
CA GLU A 130 22.55 -0.10 13.55
C GLU A 130 22.07 0.45 12.20
N LEU A 131 20.88 1.05 12.14
CA LEU A 131 20.34 1.64 10.87
C LEU A 131 19.97 3.12 11.10
N GLU A 132 20.80 3.86 11.82
CA GLU A 132 20.63 5.30 12.10
C GLU A 132 21.47 6.07 11.08
N ALA A 133 20.86 6.54 9.97
CA ALA A 133 21.52 7.35 8.92
C ALA A 133 21.86 8.75 9.46
N ALA A 134 22.71 9.47 8.73
CA ALA A 134 23.29 10.79 9.07
C ALA A 134 22.23 11.89 8.90
N ASP A 135 21.42 11.79 7.84
CA ASP A 135 20.32 12.72 7.52
C ASP A 135 19.27 12.60 8.62
N ASP A 136 18.96 13.68 9.34
CA ASP A 136 17.94 13.71 10.42
C ASP A 136 16.77 14.64 10.06
N GLU A 137 16.70 15.08 8.79
CA GLU A 137 15.58 15.86 8.22
C GLU A 137 14.41 14.91 8.00
N PRO A 138 13.23 15.15 8.60
CA PRO A 138 12.09 14.25 8.42
C PRO A 138 11.75 14.04 6.94
N LEU A 139 11.58 12.81 6.50
CA LEU A 139 10.91 12.51 5.21
C LEU A 139 9.44 12.89 5.31
N ASP A 140 8.85 13.40 4.21
CA ASP A 140 7.41 13.69 4.10
C ASP A 140 6.86 12.95 2.86
N LEU A 141 6.70 11.62 2.95
CA LEU A 141 6.10 10.80 1.87
C LEU A 141 4.57 10.91 1.95
N PRO A 142 3.83 10.74 0.83
CA PRO A 142 2.36 10.85 0.86
C PRO A 142 1.82 9.61 1.59
N VAL A 143 1.22 9.82 2.76
CA VAL A 143 0.57 8.72 3.52
C VAL A 143 -0.81 9.21 3.96
N GLY A 144 -1.85 8.49 3.53
CA GLY A 144 -3.26 8.73 3.90
C GLY A 144 -3.68 7.97 5.16
N LEU A 145 -4.82 8.33 5.72
CA LEU A 145 -5.35 7.68 6.94
C LEU A 145 -5.79 6.24 6.64
N ASP A 146 -6.09 5.94 5.40
CA ASP A 146 -6.49 4.58 4.94
C ASP A 146 -5.29 3.72 4.58
N ASP A 147 -4.06 4.25 4.54
CA ASP A 147 -2.84 3.40 4.42
C ASP A 147 -2.67 2.55 5.68
N VAL A 148 -2.18 1.32 5.51
CA VAL A 148 -1.94 0.37 6.63
C VAL A 148 -0.74 0.88 7.45
N CYS A 149 -0.90 1.01 8.78
CA CYS A 149 0.19 1.38 9.71
C CYS A 149 0.90 0.11 10.19
N LEU A 150 0.14 -0.90 10.61
CA LEU A 150 0.77 -2.12 11.18
C LEU A 150 -0.13 -3.35 11.05
N LEU A 151 0.51 -4.50 11.00
CA LEU A 151 -0.10 -5.85 11.12
C LEU A 151 0.07 -6.33 12.57
N MET A 152 -1.05 -6.54 13.25
CA MET A 152 -1.05 -7.12 14.61
C MET A 152 -1.66 -8.51 14.51
N TYR A 153 -0.86 -9.54 14.77
CA TYR A 153 -1.27 -10.96 14.69
C TYR A 153 -2.18 -11.33 15.86
N THR A 154 -3.30 -11.96 15.51
CA THR A 154 -4.25 -12.73 16.38
C THR A 154 -3.55 -13.91 17.09
N SER A 155 -4.10 -14.40 18.21
CA SER A 155 -3.54 -15.50 19.05
C SER A 155 -3.46 -16.80 18.25
N GLY A 159 -7.59 -21.02 14.17
CA GLY A 159 -6.70 -21.33 13.02
C GLY A 159 -5.28 -20.86 13.25
N ARG A 160 -4.54 -20.57 12.18
CA ARG A 160 -3.21 -19.90 12.30
C ARG A 160 -3.40 -18.40 12.54
N PRO A 161 -2.38 -17.71 13.10
CA PRO A 161 -2.50 -16.26 13.32
C PRO A 161 -2.87 -15.49 12.04
N LYS A 162 -3.79 -14.54 12.20
CA LYS A 162 -4.30 -13.63 11.14
C LYS A 162 -3.77 -12.21 11.42
N GLY A 163 -3.23 -11.56 10.40
CA GLY A 163 -2.65 -10.21 10.50
C GLY A 163 -3.72 -9.13 10.36
N ALA A 164 -4.12 -8.53 11.48
CA ALA A 164 -5.08 -7.40 11.50
C ALA A 164 -4.39 -6.18 10.91
N MET A 165 -4.94 -5.66 9.82
CA MET A 165 -4.45 -4.45 9.13
C MET A 165 -5.04 -3.23 9.86
N LEU A 166 -4.25 -2.65 10.75
CA LEU A 166 -4.64 -1.39 11.42
C LEU A 166 -4.09 -0.22 10.60
N THR A 167 -4.97 0.63 10.09
CA THR A 167 -4.58 1.81 9.28
C THR A 167 -4.06 2.91 10.19
N HIS A 168 -3.36 3.90 9.61
CA HIS A 168 -3.03 5.16 10.32
C HIS A 168 -4.32 5.75 10.93
N GLY A 169 -5.42 5.77 10.20
CA GLY A 169 -6.72 6.26 10.70
C GLY A 169 -7.20 5.46 11.89
N ASN A 170 -7.15 4.13 11.81
CA ASN A 170 -7.66 3.24 12.89
C ASN A 170 -7.02 3.66 14.21
N LEU A 171 -5.67 3.76 14.23
CA LEU A 171 -4.92 4.09 15.46
C LEU A 171 -5.14 5.56 15.83
N THR A 172 -5.19 6.47 14.86
CA THR A 172 -5.45 7.90 15.16
C THR A 172 -6.83 7.99 15.86
N TRP A 173 -7.86 7.39 15.28
CA TRP A 173 -9.25 7.48 15.83
C TRP A 173 -9.41 6.74 17.16
N ASN A 174 -8.64 5.68 17.41
CA ASN A 174 -8.62 5.06 18.75
C ASN A 174 -8.12 6.10 19.77
N CYS A 175 -6.97 6.74 19.51
CA CYS A 175 -6.45 7.85 20.34
C CYS A 175 -7.53 8.93 20.50
N VAL A 176 -8.30 9.30 19.48
CA VAL A 176 -9.33 10.35 19.67
C VAL A 176 -10.40 9.87 20.68
N ASN A 177 -10.90 8.66 20.49
CA ASN A 177 -11.77 7.93 21.46
C ASN A 177 -11.20 8.01 22.88
N VAL A 178 -9.89 7.77 23.06
CA VAL A 178 -9.27 7.74 24.41
C VAL A 178 -9.32 9.17 24.98
N LEU A 179 -8.97 10.16 24.17
CA LEU A 179 -8.95 11.58 24.59
C LEU A 179 -10.38 12.03 24.94
N VAL A 180 -11.39 11.57 24.22
CA VAL A 180 -12.79 12.00 24.48
C VAL A 180 -13.26 11.45 25.83
N GLU A 181 -12.99 10.19 26.14
CA GLU A 181 -13.60 9.45 27.28
C GLU A 181 -12.67 9.48 28.50
N THR A 182 -11.36 9.68 28.36
CA THR A 182 -10.45 9.74 29.52
C THR A 182 -9.82 11.14 29.57
N ASP A 183 -9.54 11.58 30.80
CA ASP A 183 -8.98 12.92 31.12
C ASP A 183 -7.47 12.77 31.22
N LEU A 184 -6.78 12.90 30.09
CA LEU A 184 -5.30 12.98 30.02
C LEU A 184 -4.90 14.45 29.89
N ALA A 185 -3.72 14.79 30.37
CA ALA A 185 -3.15 16.15 30.37
C ALA A 185 -1.71 16.07 29.83
N SER A 186 -1.07 17.22 29.56
CA SER A 186 0.33 17.29 29.04
C SER A 186 1.37 16.84 30.08
N ASP A 187 0.98 16.67 31.34
CA ASP A 187 1.91 16.23 32.39
C ASP A 187 1.65 14.76 32.72
N GLU A 188 1.04 13.96 31.82
CA GLU A 188 0.78 12.53 32.18
C GLU A 188 2.14 11.88 32.35
N ARG A 189 2.22 10.90 33.25
CA ARG A 189 3.36 9.98 33.38
C ARG A 189 2.77 8.58 33.35
N ALA A 190 2.76 7.98 32.16
CA ALA A 190 2.04 6.74 31.86
C ALA A 190 3.02 5.56 31.97
N LEU A 191 2.67 4.58 32.78
CA LEU A 191 3.49 3.37 32.96
C LEU A 191 2.96 2.29 32.02
N VAL A 192 3.81 1.89 31.10
CA VAL A 192 3.59 0.76 30.16
C VAL A 192 4.45 -0.41 30.62
N ALA A 193 3.85 -1.27 31.45
CA ALA A 193 4.40 -2.57 31.93
C ALA A 193 3.70 -3.74 31.26
N ALA A 194 2.70 -3.49 30.42
CA ALA A 194 2.07 -4.51 29.55
C ALA A 194 2.71 -4.41 28.16
N PRO A 195 2.67 -5.49 27.36
CA PRO A 195 3.37 -5.47 26.07
C PRO A 195 2.77 -4.54 25.00
N LEU A 196 3.65 -3.80 24.33
CA LEU A 196 3.30 -2.81 23.27
C LEU A 196 2.99 -3.57 21.98
N PHE A 197 3.35 -4.85 21.88
CA PHE A 197 2.97 -5.65 20.69
C PHE A 197 1.46 -5.99 20.77
N HIS A 198 0.79 -5.75 21.91
CA HIS A 198 -0.71 -5.77 22.00
C HIS A 198 -1.23 -4.35 21.81
N ALA A 199 -2.43 -4.26 21.22
CA ALA A 199 -3.19 -3.04 20.92
C ALA A 199 -3.46 -2.25 22.19
N ALA A 200 -3.64 -2.94 23.31
CA ALA A 200 -4.07 -2.31 24.59
C ALA A 200 -3.04 -1.27 25.01
N ALA A 201 -1.82 -1.68 25.36
CA ALA A 201 -0.79 -0.74 25.82
C ALA A 201 -0.53 0.30 24.74
N LEU A 202 -0.43 -0.12 23.48
CA LEU A 202 -0.07 0.78 22.36
C LEU A 202 -1.17 1.83 22.20
N GLY A 203 -2.41 1.39 21.99
CA GLY A 203 -3.51 2.28 21.58
C GLY A 203 -4.16 2.98 22.74
N MET A 204 -4.18 2.38 23.92
CA MET A 204 -5.02 2.92 25.04
C MET A 204 -4.15 3.84 25.90
N VAL A 205 -2.86 3.61 25.97
CA VAL A 205 -1.98 4.38 26.90
C VAL A 205 -0.84 5.06 26.15
N CYS A 206 -0.06 4.31 25.37
CA CYS A 206 1.21 4.80 24.75
C CYS A 206 0.98 5.96 23.76
N LEU A 207 0.28 5.70 22.66
CA LEU A 207 0.06 6.74 21.61
C LEU A 207 -0.74 7.92 22.15
N PRO A 208 -1.83 7.74 22.93
CA PRO A 208 -2.57 8.89 23.45
C PRO A 208 -1.70 9.82 24.33
N THR A 209 -0.83 9.23 25.15
CA THR A 209 0.08 10.00 26.02
C THR A 209 1.07 10.79 25.14
N LEU A 210 1.64 10.16 24.13
CA LEU A 210 2.57 10.87 23.19
C LEU A 210 1.80 11.98 22.48
N LEU A 211 0.53 11.75 22.12
CA LEU A 211 -0.29 12.77 21.42
C LEU A 211 -0.47 13.97 22.35
N LYS A 212 -0.57 13.71 23.65
CA LYS A 212 -0.81 14.75 24.68
C LYS A 212 0.49 15.37 25.21
N GLY A 213 1.67 14.98 24.72
CA GLY A 213 2.95 15.60 25.12
C GLY A 213 3.37 15.12 26.49
N GLY A 214 2.90 13.93 26.86
CA GLY A 214 3.18 13.31 28.16
C GLY A 214 4.44 12.47 28.07
N THR A 215 4.76 11.77 29.14
CA THR A 215 5.91 10.86 29.25
C THR A 215 5.40 9.42 29.32
N VAL A 216 5.81 8.58 28.38
CA VAL A 216 5.69 7.10 28.48
C VAL A 216 6.91 6.55 29.23
N ILE A 217 6.65 5.89 30.34
CA ILE A 217 7.64 5.13 31.13
C ILE A 217 7.49 3.67 30.72
N LEU A 218 8.52 3.09 30.11
CA LEU A 218 8.43 1.69 29.65
C LEU A 218 9.13 0.77 30.64
N HIS A 219 8.49 -0.35 30.96
CA HIS A 219 9.13 -1.54 31.58
C HIS A 219 9.16 -2.65 30.54
N SER A 220 10.36 -3.22 30.32
CA SER A 220 10.61 -4.38 29.43
C SER A 220 9.86 -5.62 29.92
N ALA A 221 9.64 -5.75 31.24
CA ALA A 221 8.93 -6.90 31.85
C ALA A 221 7.95 -6.41 32.91
N PHE A 222 6.94 -7.22 33.24
CA PHE A 222 5.99 -6.97 34.36
C PHE A 222 6.51 -7.67 35.62
N ASP A 223 6.79 -6.87 36.65
CA ASP A 223 7.11 -7.31 38.03
C ASP A 223 6.38 -6.37 38.97
N PRO A 224 5.42 -6.86 39.79
CA PRO A 224 4.57 -5.96 40.56
C PRO A 224 5.45 -5.06 41.43
N GLY A 225 6.57 -5.57 41.94
CA GLY A 225 7.51 -4.83 42.80
C GLY A 225 8.14 -3.64 42.06
N ALA A 226 8.48 -3.82 40.79
CA ALA A 226 9.00 -2.71 39.94
C ALA A 226 7.86 -1.70 39.70
N VAL A 227 6.64 -2.16 39.42
CA VAL A 227 5.49 -1.26 39.18
C VAL A 227 5.30 -0.35 40.42
N LEU A 228 5.22 -0.91 41.63
CA LEU A 228 5.04 -0.11 42.89
C LEU A 228 6.18 0.90 43.09
N SER A 229 7.46 0.47 43.02
CA SER A 229 8.62 1.38 43.13
C SER A 229 8.41 2.53 42.13
N ALA A 230 8.15 2.19 40.86
CA ALA A 230 8.00 3.18 39.76
C ALA A 230 6.88 4.19 40.07
N VAL A 231 5.73 3.74 40.57
CA VAL A 231 4.59 4.66 40.79
C VAL A 231 5.01 5.76 41.75
N GLU A 232 5.62 5.43 42.89
CA GLU A 232 5.95 6.42 43.95
C GLU A 232 7.22 7.18 43.55
N GLN A 233 8.20 6.53 42.91
CA GLN A 233 9.47 7.20 42.53
C GLN A 233 9.27 8.07 41.27
N GLU A 234 8.53 7.59 40.26
CA GLU A 234 8.35 8.34 38.99
C GLU A 234 7.07 9.19 39.07
N ARG A 235 6.26 9.05 40.14
CA ARG A 235 4.92 9.71 40.26
C ARG A 235 4.10 9.41 38.99
N VAL A 236 3.96 8.13 38.64
CA VAL A 236 3.00 7.64 37.61
C VAL A 236 1.62 8.23 37.89
N THR A 237 0.98 8.78 36.85
CA THR A 237 -0.42 9.28 36.82
C THR A 237 -1.35 8.27 36.14
N LEU A 238 -0.82 7.43 35.23
CA LEU A 238 -1.64 6.58 34.34
C LEU A 238 -0.95 5.22 34.15
N VAL A 239 -1.72 4.15 34.33
CA VAL A 239 -1.30 2.73 34.22
C VAL A 239 -2.33 2.00 33.37
N PHE A 240 -1.87 1.08 32.54
CA PHE A 240 -2.74 0.08 31.88
C PHE A 240 -2.34 -1.28 32.44
N GLY A 241 -3.33 -2.12 32.72
CA GLY A 241 -3.11 -3.54 32.95
C GLY A 241 -4.38 -4.36 32.78
N VAL A 242 -4.19 -5.66 32.66
CA VAL A 242 -5.27 -6.68 32.79
C VAL A 242 -5.42 -7.04 34.25
N PRO A 243 -6.58 -7.57 34.67
CA PRO A 243 -6.83 -7.83 36.08
C PRO A 243 -5.71 -8.61 36.80
N THR A 244 -5.11 -9.60 36.14
CA THR A 244 -4.02 -10.44 36.72
C THR A 244 -2.83 -9.55 37.11
N MET A 245 -2.55 -8.48 36.36
CA MET A 245 -1.44 -7.56 36.71
C MET A 245 -1.84 -6.80 37.98
N TYR A 246 -3.09 -6.34 38.05
CA TYR A 246 -3.54 -5.49 39.17
C TYR A 246 -3.65 -6.38 40.43
N GLN A 247 -3.95 -7.67 40.26
CA GLN A 247 -4.02 -8.68 41.36
C GLN A 247 -2.60 -8.85 41.93
N ALA A 248 -1.61 -9.13 41.09
CA ALA A 248 -0.20 -9.32 41.52
C ALA A 248 0.31 -8.04 42.21
N ILE A 249 -0.08 -6.85 41.74
CA ILE A 249 0.37 -5.56 42.34
C ILE A 249 -0.20 -5.47 43.78
N ALA A 250 -1.46 -5.88 43.98
CA ALA A 250 -2.20 -5.75 45.27
C ALA A 250 -1.78 -6.86 46.26
N ALA A 251 -1.33 -8.01 45.76
CA ALA A 251 -0.87 -9.16 46.58
C ALA A 251 0.62 -9.05 46.88
N HIS A 252 1.26 -7.88 46.69
CA HIS A 252 2.71 -7.66 46.94
C HIS A 252 2.90 -7.00 48.31
N PRO A 253 3.97 -7.33 49.08
CA PRO A 253 4.17 -6.78 50.42
C PRO A 253 4.28 -5.25 50.58
N ARG A 254 4.70 -4.52 49.53
CA ARG A 254 4.94 -3.05 49.56
C ARG A 254 3.70 -2.29 49.05
N TRP A 255 2.52 -2.94 49.00
CA TRP A 255 1.23 -2.31 48.62
C TRP A 255 0.76 -1.31 49.70
N ARG A 256 1.02 -1.60 50.98
CA ARG A 256 0.63 -0.70 52.11
C ARG A 256 1.58 0.49 52.18
N SER A 257 2.90 0.23 52.10
CA SER A 257 3.97 1.24 52.29
C SER A 257 4.14 2.12 51.05
N THR A 258 3.69 1.69 49.88
CA THR A 258 3.86 2.45 48.60
C THR A 258 2.90 3.66 48.59
N ASP A 259 3.45 4.85 48.35
CA ASP A 259 2.68 6.08 48.05
C ASP A 259 2.12 5.95 46.63
N LEU A 260 0.79 5.86 46.51
CA LEU A 260 0.02 5.73 45.25
C LEU A 260 -0.71 7.04 44.93
N SER A 261 -0.47 8.10 45.71
CA SER A 261 -1.24 9.36 45.64
C SER A 261 -1.16 9.98 44.23
N SER A 262 -0.06 9.78 43.49
CA SER A 262 0.13 10.35 42.13
C SER A 262 -0.89 9.77 41.15
N LEU A 263 -1.30 8.50 41.32
CA LEU A 263 -2.22 7.80 40.38
C LEU A 263 -3.52 8.62 40.19
N ARG A 264 -3.86 8.96 38.94
CA ARG A 264 -5.08 9.69 38.54
C ARG A 264 -6.03 8.73 37.83
N THR A 265 -5.48 7.92 36.91
CA THR A 265 -6.24 7.05 35.97
C THR A 265 -5.66 5.64 35.96
N LEU A 266 -6.47 4.66 36.37
CA LEU A 266 -6.12 3.22 36.26
C LEU A 266 -6.98 2.59 35.16
N LEU A 267 -6.36 2.26 34.03
CA LEU A 267 -7.06 1.59 32.90
C LEU A 267 -6.90 0.09 33.07
N CYS A 268 -8.03 -0.63 33.05
CA CYS A 268 -8.09 -2.11 33.11
C CYS A 268 -8.83 -2.63 31.88
N GLY A 269 -8.19 -3.47 31.07
CA GLY A 269 -8.81 -4.13 29.90
C GLY A 269 -8.64 -5.65 29.96
N GLY A 270 -8.87 -6.36 28.85
CA GLY A 270 -8.65 -7.82 28.75
C GLY A 270 -9.80 -8.64 29.31
N ALA A 271 -10.31 -8.29 30.50
CA ALA A 271 -11.31 -9.05 31.28
C ALA A 271 -11.91 -8.17 32.38
N PRO A 272 -13.06 -8.55 32.97
CA PRO A 272 -13.70 -7.75 34.02
C PRO A 272 -12.88 -7.77 35.32
N VAL A 273 -12.91 -6.71 36.13
CA VAL A 273 -12.24 -6.72 37.48
C VAL A 273 -13.18 -7.42 38.45
N PRO A 274 -12.75 -8.57 39.03
CA PRO A 274 -13.47 -9.20 40.14
C PRO A 274 -13.77 -8.19 41.27
N ALA A 275 -14.94 -8.34 41.91
CA ALA A 275 -15.44 -7.50 43.02
C ALA A 275 -14.40 -7.41 44.16
N ASP A 276 -13.63 -8.46 44.39
CA ASP A 276 -12.50 -8.45 45.36
C ASP A 276 -11.53 -7.33 44.97
N LEU A 277 -11.11 -7.33 43.69
CA LEU A 277 -10.07 -6.41 43.14
C LEU A 277 -10.52 -4.96 43.29
N ALA A 278 -11.73 -4.64 42.83
CA ALA A 278 -12.32 -3.29 42.92
C ALA A 278 -12.24 -2.81 44.38
N GLY A 279 -12.64 -3.68 45.31
CA GLY A 279 -12.69 -3.38 46.75
C GLY A 279 -11.33 -3.04 47.33
N ARG A 280 -10.31 -3.84 46.96
CA ARG A 280 -8.90 -3.69 47.42
C ARG A 280 -8.35 -2.33 46.94
N TYR A 281 -8.74 -1.87 45.74
CA TYR A 281 -8.29 -0.59 45.15
C TYR A 281 -9.15 0.54 45.72
N LEU A 282 -10.46 0.28 45.94
CA LEU A 282 -11.41 1.28 46.50
C LEU A 282 -10.88 1.79 47.85
N ASP A 283 -10.29 0.89 48.64
CA ASP A 283 -9.90 1.15 50.05
C ASP A 283 -8.54 1.87 50.08
N ARG A 284 -7.84 1.98 48.94
CA ARG A 284 -6.61 2.79 48.79
C ARG A 284 -6.92 4.01 47.88
N GLY A 285 -8.21 4.27 47.60
CA GLY A 285 -8.69 5.51 46.94
C GLY A 285 -8.77 5.39 45.41
N LEU A 286 -8.50 4.21 44.86
CA LEU A 286 -8.21 3.99 43.42
C LEU A 286 -9.42 3.29 42.80
N ALA A 287 -9.91 3.82 41.69
CA ALA A 287 -11.02 3.23 40.92
C ALA A 287 -10.53 2.94 39.51
N PHE A 288 -10.97 1.82 38.94
CA PHE A 288 -10.63 1.35 37.58
C PHE A 288 -11.61 1.92 36.54
N VAL A 289 -11.06 2.54 35.50
CA VAL A 289 -11.71 2.71 34.17
C VAL A 289 -11.55 1.39 33.42
N GLN A 290 -12.65 0.69 33.19
CA GLN A 290 -12.64 -0.67 32.60
C GLN A 290 -13.01 -0.57 31.12
N GLY A 291 -12.17 -1.13 30.26
CA GLY A 291 -12.35 -1.08 28.80
C GLY A 291 -12.54 -2.47 28.28
N TYR A 292 -13.39 -2.61 27.27
CA TYR A 292 -13.57 -3.83 26.46
C TYR A 292 -13.14 -3.44 25.05
N GLY A 293 -12.38 -4.30 24.39
CA GLY A 293 -11.96 -4.11 23.00
C GLY A 293 -11.23 -5.32 22.45
N MET A 294 -10.74 -5.19 21.23
CA MET A 294 -10.15 -6.30 20.47
C MET A 294 -9.14 -5.69 19.49
N THR A 295 -8.19 -6.50 19.02
CA THR A 295 -7.11 -6.08 18.10
C THR A 295 -7.71 -5.34 16.90
N GLU A 296 -8.81 -5.87 16.37
CA GLU A 296 -9.45 -5.46 15.08
C GLU A 296 -10.18 -4.12 15.20
N ALA A 297 -10.29 -3.56 16.42
CA ALA A 297 -10.85 -2.22 16.70
C ALA A 297 -9.76 -1.31 17.29
N ALA A 298 -8.49 -1.73 17.24
CA ALA A 298 -7.29 -0.85 17.42
C ALA A 298 -7.11 -0.22 18.81
N PRO A 299 -7.56 -0.74 19.99
CA PRO A 299 -8.58 -1.77 20.14
C PRO A 299 -9.91 -1.34 20.79
N GLY A 300 -10.11 -0.04 21.03
CA GLY A 300 -11.17 0.43 21.96
C GLY A 300 -12.57 0.30 21.39
N VAL A 301 -13.55 -0.08 22.23
CA VAL A 301 -14.97 -0.37 21.81
C VAL A 301 -15.92 0.10 22.91
N LEU A 302 -15.78 -0.44 24.12
CA LEU A 302 -16.63 -0.07 25.27
C LEU A 302 -15.77 0.39 26.42
N VAL A 303 -16.33 1.22 27.27
CA VAL A 303 -15.69 1.73 28.52
C VAL A 303 -16.74 1.70 29.64
N LEU A 304 -16.33 1.27 30.82
CA LEU A 304 -17.11 1.39 32.07
C LEU A 304 -16.34 2.34 32.98
N ASP A 305 -16.76 3.61 33.07
CA ASP A 305 -15.99 4.64 33.81
C ASP A 305 -16.19 4.42 35.32
N ARG A 306 -15.35 5.06 36.15
CA ARG A 306 -15.31 4.90 37.63
C ARG A 306 -16.66 5.32 38.26
N ALA A 307 -17.39 6.24 37.61
CA ALA A 307 -18.70 6.78 38.05
C ALA A 307 -19.82 5.74 37.99
N HIS A 308 -19.69 4.65 37.21
CA HIS A 308 -20.78 3.67 36.95
C HIS A 308 -20.37 2.23 37.30
N VAL A 309 -19.17 2.00 37.85
CA VAL A 309 -18.66 0.63 38.21
C VAL A 309 -19.49 0.05 39.37
N ALA A 310 -20.18 0.90 40.14
CA ALA A 310 -20.97 0.54 41.36
C ALA A 310 -22.23 -0.26 40.98
N GLU A 311 -23.17 0.34 40.23
CA GLU A 311 -24.49 -0.28 39.91
C GLU A 311 -24.33 -1.32 38.79
N LYS A 312 -23.53 -1.03 37.76
CA LYS A 312 -23.34 -1.89 36.56
C LYS A 312 -22.10 -2.76 36.78
N ILE A 313 -22.15 -3.64 37.79
CA ILE A 313 -21.05 -4.58 38.14
C ILE A 313 -21.07 -5.70 37.10
N GLY A 314 -19.89 -6.07 36.59
CA GLY A 314 -19.75 -7.14 35.58
C GLY A 314 -20.14 -6.69 34.18
N SER A 315 -20.58 -5.43 33.99
CA SER A 315 -20.81 -4.77 32.68
C SER A 315 -19.48 -4.54 31.94
N ALA A 316 -19.50 -4.53 30.60
CA ALA A 316 -18.36 -4.09 29.76
C ALA A 316 -18.54 -2.61 29.40
N GLY A 317 -19.70 -2.04 29.74
CA GLY A 317 -19.91 -0.57 29.68
C GLY A 317 -20.52 -0.16 28.36
N VAL A 318 -20.28 1.08 27.95
CA VAL A 318 -20.97 1.74 26.79
C VAL A 318 -19.96 2.11 25.71
N PRO A 319 -20.45 2.32 24.48
CA PRO A 319 -19.58 2.63 23.35
C PRO A 319 -18.70 3.89 23.52
N SER A 320 -17.45 3.80 23.08
CA SER A 320 -16.59 4.97 22.80
C SER A 320 -17.30 5.87 21.78
N PHE A 321 -17.06 7.19 21.84
CA PHE A 321 -17.83 8.24 21.15
C PHE A 321 -17.95 7.95 19.63
N PHE A 322 -16.83 7.69 18.94
CA PHE A 322 -16.80 7.57 17.44
C PHE A 322 -17.06 6.11 17.00
N THR A 323 -17.40 5.22 17.92
CA THR A 323 -17.61 3.77 17.66
C THR A 323 -19.10 3.47 17.83
N ASP A 324 -19.69 2.65 16.96
CA ASP A 324 -21.07 2.12 17.15
C ASP A 324 -20.95 0.64 17.50
N VAL A 325 -21.74 0.19 18.47
CA VAL A 325 -21.71 -1.20 18.98
C VAL A 325 -23.14 -1.72 19.11
N ARG A 326 -23.37 -2.96 18.66
CA ARG A 326 -24.71 -3.63 18.72
C ARG A 326 -24.54 -5.10 19.08
N VAL A 327 -25.63 -5.71 19.55
CA VAL A 327 -25.77 -7.20 19.59
C VAL A 327 -26.68 -7.62 18.44
N ALA A 328 -26.21 -8.57 17.62
CA ALA A 328 -26.84 -8.99 16.34
C ALA A 328 -27.21 -10.47 16.42
N GLY A 329 -28.32 -10.86 15.77
CA GLY A 329 -28.70 -12.28 15.58
C GLY A 329 -27.64 -13.01 14.75
N PRO A 330 -27.72 -14.36 14.64
CA PRO A 330 -26.89 -15.11 13.69
C PRO A 330 -27.22 -14.64 12.27
N SER A 331 -28.45 -14.13 12.10
CA SER A 331 -28.94 -13.35 10.94
C SER A 331 -27.96 -12.23 10.59
N GLY A 332 -27.76 -11.31 11.53
CA GLY A 332 -27.18 -9.97 11.33
C GLY A 332 -28.08 -8.88 11.93
N GLU A 333 -29.36 -9.18 12.17
CA GLU A 333 -30.38 -8.19 12.61
C GLU A 333 -30.27 -7.99 14.13
N PRO A 334 -30.40 -6.74 14.66
CA PRO A 334 -30.49 -6.54 16.10
C PRO A 334 -31.57 -7.41 16.79
N VAL A 335 -31.34 -7.69 18.07
CA VAL A 335 -32.03 -8.77 18.84
C VAL A 335 -33.03 -8.14 19.80
N PRO A 336 -34.03 -8.91 20.30
CA PRO A 336 -34.90 -8.44 21.37
C PRO A 336 -34.01 -7.96 22.52
N PRO A 337 -34.24 -6.76 23.09
CA PRO A 337 -33.34 -6.24 24.12
C PRO A 337 -33.42 -7.19 25.33
N GLY A 338 -32.26 -7.51 25.90
CA GLY A 338 -32.10 -8.49 27.00
C GLY A 338 -31.59 -9.83 26.51
N GLU A 339 -31.89 -10.22 25.27
CA GLU A 339 -31.54 -11.56 24.72
C GLU A 339 -30.11 -11.55 24.18
N LYS A 340 -29.60 -12.73 23.91
CA LYS A 340 -28.17 -12.97 23.58
C LYS A 340 -27.98 -12.84 22.07
N GLY A 341 -26.85 -12.23 21.68
CA GLY A 341 -26.32 -12.21 20.30
C GLY A 341 -24.83 -11.90 20.33
N GLU A 342 -24.29 -11.53 19.17
CA GLU A 342 -22.84 -11.27 19.00
C GLU A 342 -22.58 -9.76 19.05
N ILE A 343 -21.57 -9.32 19.80
CA ILE A 343 -21.12 -7.89 19.69
C ILE A 343 -20.56 -7.68 18.28
N VAL A 344 -21.14 -6.70 17.59
CA VAL A 344 -20.67 -6.22 16.26
C VAL A 344 -20.26 -4.77 16.45
N VAL A 345 -19.15 -4.37 15.82
CA VAL A 345 -18.47 -3.06 16.03
C VAL A 345 -18.29 -2.37 14.67
N SER A 346 -18.51 -1.05 14.66
CA SER A 346 -18.38 -0.14 13.50
C SER A 346 -17.76 1.18 13.95
N GLY A 347 -16.97 1.78 13.07
CA GLY A 347 -16.37 3.11 13.30
C GLY A 347 -14.96 3.20 12.72
N PRO A 348 -14.35 4.39 12.74
CA PRO A 348 -13.09 4.62 12.03
C PRO A 348 -11.88 3.92 12.65
N ASN A 349 -12.08 3.34 13.85
CA ASN A 349 -11.08 2.53 14.59
C ASN A 349 -11.07 1.07 14.07
N VAL A 350 -12.10 0.64 13.33
CA VAL A 350 -12.26 -0.79 12.91
C VAL A 350 -11.36 -1.07 11.69
N MET A 351 -10.60 -2.16 11.75
CA MET A 351 -9.48 -2.51 10.83
C MET A 351 -9.91 -2.52 9.36
N LYS A 352 -8.93 -2.57 8.46
CA LYS A 352 -9.17 -2.70 7.00
C LYS A 352 -9.56 -4.14 6.68
N GLY A 353 -9.05 -5.10 7.44
CA GLY A 353 -9.30 -6.54 7.26
C GLY A 353 -8.07 -7.33 7.63
N TYR A 354 -8.11 -8.65 7.44
CA TYR A 354 -6.92 -9.50 7.73
C TYR A 354 -6.09 -9.58 6.46
N TRP A 355 -4.77 -9.38 6.65
CA TRP A 355 -3.69 -9.37 5.64
C TRP A 355 -3.64 -10.66 4.82
N GLY A 356 -3.90 -10.56 3.52
CA GLY A 356 -3.90 -11.68 2.58
C GLY A 356 -5.03 -12.67 2.82
N ARG A 357 -6.07 -12.34 3.61
CA ARG A 357 -7.11 -13.32 4.04
C ARG A 357 -8.49 -12.71 3.79
N PRO A 358 -8.82 -12.41 2.52
CA PRO A 358 -10.05 -11.70 2.18
C PRO A 358 -11.36 -12.46 2.46
N GLU A 359 -11.31 -13.79 2.42
CA GLU A 359 -12.50 -14.67 2.63
C GLU A 359 -12.74 -14.74 4.13
N ALA A 360 -11.70 -14.96 4.93
CA ALA A 360 -11.81 -14.96 6.40
C ALA A 360 -12.26 -13.56 6.82
N THR A 361 -11.78 -12.52 6.15
CA THR A 361 -12.18 -11.12 6.44
C THR A 361 -13.69 -10.96 6.18
N ALA A 362 -14.19 -11.39 5.02
CA ALA A 362 -15.61 -11.16 4.63
C ALA A 362 -16.57 -11.91 5.57
N GLU A 363 -16.14 -13.03 6.15
CA GLU A 363 -16.94 -13.79 7.14
C GLU A 363 -17.21 -12.91 8.38
N VAL A 364 -16.30 -11.99 8.75
CA VAL A 364 -16.39 -11.24 10.04
C VAL A 364 -16.50 -9.72 9.81
N LEU A 365 -16.37 -9.21 8.59
CA LEU A 365 -16.31 -7.75 8.30
C LEU A 365 -17.13 -7.42 7.05
N ARG A 366 -18.33 -6.85 7.20
CA ARG A 366 -19.16 -6.43 6.04
C ARG A 366 -19.77 -5.07 6.36
N ASP A 367 -19.85 -4.16 5.40
CA ASP A 367 -20.61 -2.89 5.61
C ASP A 367 -19.91 -2.14 6.76
N GLY A 368 -18.62 -2.44 7.01
CA GLY A 368 -17.82 -1.78 8.07
C GLY A 368 -18.19 -2.26 9.48
N TRP A 369 -18.98 -3.34 9.60
CA TRP A 369 -19.35 -4.00 10.88
C TRP A 369 -18.46 -5.22 11.09
N PHE A 370 -17.80 -5.30 12.24
CA PHE A 370 -16.88 -6.39 12.61
C PHE A 370 -17.58 -7.32 13.63
N ARG A 371 -17.51 -8.64 13.40
CA ARG A 371 -18.09 -9.67 14.32
C ARG A 371 -17.05 -9.98 15.39
N SER A 372 -17.33 -9.65 16.66
CA SER A 372 -16.39 -9.72 17.80
C SER A 372 -16.03 -11.17 18.10
N GLY A 373 -16.94 -12.11 17.81
CA GLY A 373 -16.87 -13.48 18.36
C GLY A 373 -17.26 -13.50 19.83
N ASP A 374 -17.82 -12.41 20.36
CA ASP A 374 -18.29 -12.33 21.77
C ASP A 374 -19.81 -12.44 21.77
N VAL A 375 -20.36 -13.33 22.60
CA VAL A 375 -21.81 -13.41 22.94
C VAL A 375 -22.06 -12.45 24.10
N ALA A 376 -23.14 -11.67 24.02
CA ALA A 376 -23.46 -10.64 25.02
C ALA A 376 -24.94 -10.27 24.96
N THR A 377 -25.38 -9.59 26.00
CA THR A 377 -26.69 -8.91 26.10
C THR A 377 -26.43 -7.41 26.28
N VAL A 378 -27.44 -6.59 25.94
CA VAL A 378 -27.49 -5.13 26.24
C VAL A 378 -28.76 -4.89 27.06
N ASP A 379 -28.65 -4.11 28.14
CA ASP A 379 -29.75 -3.76 29.06
C ASP A 379 -30.47 -2.47 28.57
N GLY A 380 -31.49 -2.02 29.29
CA GLY A 380 -32.28 -0.83 28.91
C GLY A 380 -31.45 0.44 28.88
N ASP A 381 -30.31 0.46 29.61
CA ASP A 381 -29.42 1.63 29.73
C ASP A 381 -28.32 1.65 28.66
N GLY A 382 -28.28 0.67 27.76
CA GLY A 382 -27.28 0.56 26.68
C GLY A 382 -25.96 -0.02 27.17
N TYR A 383 -25.93 -0.51 28.42
CA TYR A 383 -24.76 -1.19 29.03
C TYR A 383 -24.70 -2.65 28.53
N PHE A 384 -23.51 -3.08 28.08
CA PHE A 384 -23.27 -4.41 27.48
C PHE A 384 -22.76 -5.36 28.57
N HIS A 385 -23.12 -6.62 28.46
CA HIS A 385 -22.78 -7.70 29.40
C HIS A 385 -22.23 -8.85 28.55
N VAL A 386 -20.95 -9.11 28.66
CA VAL A 386 -20.27 -10.15 27.84
C VAL A 386 -20.58 -11.48 28.52
N VAL A 387 -21.04 -12.48 27.75
CA VAL A 387 -21.44 -13.78 28.34
C VAL A 387 -20.36 -14.82 28.07
N ASP A 388 -19.89 -14.91 26.83
CA ASP A 388 -18.92 -15.95 26.40
C ASP A 388 -18.40 -15.66 24.99
N ARG A 389 -17.45 -16.47 24.52
CA ARG A 389 -17.01 -16.52 23.10
C ARG A 389 -17.98 -17.44 22.35
N LEU A 390 -18.52 -16.97 21.25
CA LEU A 390 -19.40 -17.72 20.33
C LEU A 390 -18.83 -19.13 20.04
N LYS A 391 -17.53 -19.25 19.76
CA LYS A 391 -16.92 -20.51 19.22
C LYS A 391 -16.69 -21.51 20.36
N ASP A 392 -16.77 -21.07 21.62
CA ASP A 392 -16.70 -21.92 22.83
C ASP A 392 -18.12 -22.43 23.17
N MET A 393 -19.18 -21.91 22.52
CA MET A 393 -20.56 -22.43 22.73
C MET A 393 -20.56 -23.94 22.52
N ILE A 394 -21.36 -24.66 23.31
CA ILE A 394 -21.57 -26.14 23.20
C ILE A 394 -23.04 -26.33 22.87
N ILE A 395 -23.30 -26.88 21.67
CA ILE A 395 -24.65 -27.24 21.14
C ILE A 395 -24.90 -28.70 21.48
N SER A 396 -25.87 -28.96 22.34
CA SER A 396 -26.15 -30.29 22.93
C SER A 396 -27.66 -30.51 22.87
N GLY A 397 -28.10 -31.43 21.99
CA GLY A 397 -29.51 -31.61 21.57
C GLY A 397 -30.09 -30.33 21.00
N GLY A 398 -29.32 -29.58 20.21
CA GLY A 398 -29.76 -28.30 19.62
C GLY A 398 -30.07 -27.21 20.66
N GLU A 399 -29.58 -27.35 21.90
CA GLU A 399 -29.56 -26.24 22.90
C GLU A 399 -28.13 -25.71 23.09
N ASN A 400 -28.02 -24.40 23.22
CA ASN A 400 -26.77 -23.65 23.52
C ASN A 400 -26.43 -23.80 25.01
N ILE A 401 -25.17 -24.16 25.25
CA ILE A 401 -24.52 -24.13 26.59
C ILE A 401 -23.36 -23.15 26.50
N TYR A 402 -23.37 -22.18 27.41
CA TYR A 402 -22.31 -21.17 27.65
C TYR A 402 -21.37 -21.71 28.71
N PRO A 403 -20.16 -22.19 28.34
CA PRO A 403 -19.21 -22.76 29.30
C PRO A 403 -18.86 -21.85 30.49
N ALA A 404 -18.85 -20.54 30.27
CA ALA A 404 -18.48 -19.54 31.29
C ALA A 404 -19.54 -19.52 32.39
N GLU A 405 -20.82 -19.68 32.04
CA GLU A 405 -21.90 -19.89 33.03
C GLU A 405 -21.60 -21.16 33.86
N VAL A 406 -21.06 -22.22 33.24
CA VAL A 406 -20.73 -23.48 33.95
C VAL A 406 -19.46 -23.28 34.78
N GLU A 407 -18.40 -22.72 34.19
CA GLU A 407 -17.12 -22.46 34.93
C GLU A 407 -17.41 -21.56 36.14
N ASN A 408 -18.27 -20.53 35.97
CA ASN A 408 -18.69 -19.62 37.08
C ASN A 408 -19.28 -20.45 38.24
N GLU A 409 -20.04 -21.50 37.95
CA GLU A 409 -20.69 -22.31 39.01
C GLU A 409 -19.62 -23.20 39.67
N LEU A 410 -18.72 -23.77 38.86
CA LEU A 410 -17.59 -24.66 39.31
C LEU A 410 -16.65 -23.92 40.27
N TYR A 411 -16.51 -22.61 40.16
CA TYR A 411 -15.61 -21.82 41.03
C TYR A 411 -16.19 -21.79 42.45
N GLY A 412 -17.47 -22.14 42.61
CA GLY A 412 -18.15 -22.06 43.92
C GLY A 412 -17.91 -23.32 44.74
N TYR A 413 -17.15 -24.27 44.19
CA TYR A 413 -16.96 -25.63 44.78
C TYR A 413 -15.60 -25.71 45.44
N PRO A 414 -15.52 -26.21 46.71
CA PRO A 414 -14.27 -26.28 47.46
C PRO A 414 -13.05 -26.83 46.71
N GLY A 415 -12.03 -25.98 46.54
CA GLY A 415 -10.71 -26.38 46.01
C GLY A 415 -10.61 -26.37 44.48
N VAL A 416 -11.57 -25.73 43.79
CA VAL A 416 -11.47 -25.48 42.33
C VAL A 416 -10.70 -24.16 42.17
N GLU A 417 -9.41 -24.27 41.83
CA GLU A 417 -8.44 -23.15 41.72
C GLU A 417 -8.57 -22.51 40.33
N ALA A 418 -8.58 -23.34 39.29
CA ALA A 418 -8.94 -22.96 37.89
C ALA A 418 -9.83 -24.07 37.30
N CYS A 419 -10.56 -23.77 36.22
CA CYS A 419 -11.26 -24.80 35.39
C CYS A 419 -11.56 -24.27 33.98
N ALA A 420 -11.99 -25.18 33.12
CA ALA A 420 -12.40 -24.89 31.74
C ALA A 420 -13.40 -25.95 31.29
N VAL A 421 -14.51 -25.54 30.68
CA VAL A 421 -15.51 -26.48 30.10
C VAL A 421 -15.42 -26.42 28.59
N ILE A 422 -15.20 -27.56 27.93
CA ILE A 422 -15.10 -27.66 26.45
C ILE A 422 -16.21 -28.60 25.94
N GLY A 423 -16.58 -28.38 24.68
CA GLY A 423 -17.41 -29.28 23.86
C GLY A 423 -16.58 -30.45 23.37
N VAL A 424 -17.16 -31.63 23.51
CA VAL A 424 -16.60 -32.97 23.16
C VAL A 424 -17.67 -33.69 22.36
N PRO A 425 -17.36 -34.43 21.26
CA PRO A 425 -18.41 -35.01 20.43
C PRO A 425 -19.16 -36.14 21.16
N ASP A 426 -20.45 -36.27 20.88
CA ASP A 426 -21.35 -37.28 21.50
C ASP A 426 -22.45 -37.64 20.50
N PRO A 427 -22.74 -38.94 20.31
CA PRO A 427 -23.67 -39.39 19.26
C PRO A 427 -25.14 -39.03 19.52
N ARG A 428 -25.56 -39.00 20.79
CA ARG A 428 -26.95 -38.71 21.22
C ARG A 428 -27.25 -37.22 21.01
N TRP A 429 -26.32 -36.35 21.42
CA TRP A 429 -26.57 -34.90 21.65
C TRP A 429 -25.76 -34.02 20.68
N GLY A 430 -24.92 -34.62 19.83
CA GLY A 430 -23.99 -33.88 18.94
C GLY A 430 -22.76 -33.48 19.72
N GLU A 431 -22.95 -32.68 20.76
CA GLU A 431 -21.89 -32.22 21.68
C GLU A 431 -22.38 -32.37 23.12
N VAL A 432 -21.41 -32.44 24.01
CA VAL A 432 -21.58 -32.58 25.46
C VAL A 432 -20.38 -31.87 26.08
N GLY A 433 -20.52 -31.36 27.30
CA GLY A 433 -19.46 -30.66 28.03
C GLY A 433 -18.53 -31.64 28.74
N LYS A 434 -17.25 -31.28 28.84
CA LYS A 434 -16.27 -31.93 29.71
C LYS A 434 -15.60 -30.83 30.53
N ALA A 435 -15.59 -30.94 31.87
CA ALA A 435 -14.84 -30.04 32.77
C ALA A 435 -13.39 -30.52 32.88
N VAL A 436 -12.43 -29.60 32.73
CA VAL A 436 -11.01 -29.81 33.10
C VAL A 436 -10.74 -28.89 34.28
N VAL A 437 -10.36 -29.47 35.41
CA VAL A 437 -10.27 -28.80 36.73
C VAL A 437 -8.84 -28.93 37.28
N VAL A 438 -8.28 -27.80 37.69
CA VAL A 438 -7.03 -27.72 38.48
C VAL A 438 -7.42 -27.63 39.95
N PRO A 439 -7.15 -28.70 40.74
CA PRO A 439 -7.36 -28.67 42.19
C PRO A 439 -6.33 -27.81 42.92
N ALA A 440 -6.71 -27.16 44.03
CA ALA A 440 -5.75 -26.52 44.96
C ALA A 440 -4.78 -27.61 45.47
N ALA A 441 -3.49 -27.28 45.60
CA ALA A 441 -2.42 -28.23 45.98
C ALA A 441 -2.81 -28.99 47.27
N GLY A 442 -3.52 -28.30 48.17
CA GLY A 442 -3.98 -28.86 49.46
C GLY A 442 -5.49 -29.10 49.50
N SER A 443 -6.06 -29.69 48.44
CA SER A 443 -7.50 -30.06 48.34
C SER A 443 -7.65 -31.36 47.54
N ARG A 444 -8.57 -32.24 48.00
CA ARG A 444 -8.92 -33.52 47.35
C ARG A 444 -10.38 -33.42 46.86
N ILE A 445 -10.63 -33.76 45.59
CA ILE A 445 -11.96 -33.56 44.93
C ILE A 445 -12.38 -34.86 44.23
N ASP A 446 -13.59 -35.34 44.54
CA ASP A 446 -14.25 -36.47 43.83
C ASP A 446 -15.01 -35.91 42.61
N GLY A 447 -14.65 -36.40 41.42
CA GLY A 447 -15.27 -36.07 40.12
C GLY A 447 -16.78 -36.20 40.17
N ALA A 448 -17.27 -37.38 40.57
CA ALA A 448 -18.72 -37.71 40.64
C ALA A 448 -19.45 -36.72 41.57
N GLU A 449 -18.83 -36.30 42.69
CA GLU A 449 -19.45 -35.36 43.66
C GLU A 449 -19.55 -33.97 43.01
N LEU A 450 -18.52 -33.56 42.29
CA LEU A 450 -18.44 -32.23 41.62
C LEU A 450 -19.58 -32.11 40.61
N LEU A 451 -19.71 -33.12 39.74
CA LEU A 451 -20.79 -33.22 38.73
C LEU A 451 -22.14 -33.28 39.42
N ALA A 452 -22.26 -34.09 40.47
CA ALA A 452 -23.54 -34.28 41.21
C ALA A 452 -23.94 -32.92 41.76
N TRP A 453 -22.98 -32.15 42.27
CA TRP A 453 -23.26 -30.81 42.84
C TRP A 453 -23.67 -29.81 41.73
N LEU A 454 -23.01 -29.85 40.56
CA LEU A 454 -23.41 -28.95 39.43
C LEU A 454 -24.88 -29.22 39.08
N ARG A 455 -25.31 -30.47 39.12
CA ARG A 455 -26.69 -30.90 38.73
C ARG A 455 -27.69 -30.21 39.66
N THR A 456 -27.27 -30.02 40.91
CA THR A 456 -27.96 -29.26 41.97
C THR A 456 -28.20 -27.81 41.53
N ARG A 457 -27.25 -27.23 40.80
CA ARG A 457 -27.14 -25.77 40.55
C ARG A 457 -27.68 -25.39 39.16
N LEU A 458 -27.69 -26.32 38.21
CA LEU A 458 -27.92 -26.06 36.77
C LEU A 458 -28.86 -27.13 36.18
N ALA A 459 -29.63 -26.75 35.16
CA ALA A 459 -30.35 -27.68 34.28
C ALA A 459 -29.39 -28.78 33.85
N GLY A 460 -29.82 -30.04 33.87
CA GLY A 460 -28.98 -31.19 33.50
C GLY A 460 -28.32 -31.03 32.14
N TYR A 461 -28.99 -30.42 31.15
CA TYR A 461 -28.43 -30.29 29.78
C TYR A 461 -27.13 -29.46 29.77
N LYS A 462 -26.91 -28.57 30.75
CA LYS A 462 -25.72 -27.67 30.82
C LYS A 462 -24.53 -28.37 31.49
N VAL A 463 -24.76 -29.47 32.22
CA VAL A 463 -23.75 -30.07 33.14
C VAL A 463 -22.81 -30.94 32.32
N PRO A 464 -21.48 -30.80 32.46
CA PRO A 464 -20.56 -31.69 31.76
C PRO A 464 -20.81 -33.16 32.15
N LYS A 465 -20.66 -34.08 31.20
CA LYS A 465 -20.84 -35.54 31.37
C LYS A 465 -19.60 -36.17 32.03
N SER A 466 -18.43 -35.51 31.96
CA SER A 466 -17.15 -36.02 32.54
C SER A 466 -16.33 -34.88 33.16
N VAL A 467 -15.38 -35.23 34.02
CA VAL A 467 -14.37 -34.35 34.71
C VAL A 467 -13.00 -35.03 34.62
N GLU A 468 -11.99 -34.31 34.13
CA GLU A 468 -10.58 -34.76 34.14
C GLU A 468 -9.79 -33.71 34.91
N PHE A 469 -8.93 -34.13 35.83
CA PHE A 469 -8.11 -33.23 36.69
C PHE A 469 -6.73 -33.05 36.06
N THR A 470 -6.11 -31.87 36.26
CA THR A 470 -4.72 -31.52 35.83
C THR A 470 -4.08 -30.56 36.84
N ASP A 471 -2.76 -30.39 36.75
CA ASP A 471 -1.93 -29.55 37.65
C ASP A 471 -1.98 -28.09 37.20
N ARG A 472 -2.11 -27.84 35.89
CA ARG A 472 -2.06 -26.48 35.28
C ARG A 472 -2.82 -26.49 33.95
N LEU A 473 -3.42 -25.36 33.57
CA LEU A 473 -4.15 -25.16 32.28
C LEU A 473 -3.37 -24.21 31.39
N PRO A 474 -3.44 -24.36 30.04
CA PRO A 474 -2.79 -23.44 29.12
C PRO A 474 -3.41 -22.03 29.22
N THR A 475 -2.65 -21.08 29.77
CA THR A 475 -3.05 -19.66 30.00
C THR A 475 -2.14 -18.74 29.17
N THR A 476 -2.67 -17.62 28.67
CA THR A 476 -1.92 -16.54 27.96
C THR A 476 -1.00 -15.82 28.95
N GLY A 477 -0.06 -15.01 28.44
CA GLY A 477 0.85 -14.18 29.27
C GLY A 477 0.08 -13.40 30.32
N SER A 478 -1.01 -12.74 29.90
CA SER A 478 -2.04 -12.12 30.78
C SER A 478 -2.53 -13.17 31.80
N GLY A 479 -3.32 -14.15 31.33
CA GLY A 479 -3.95 -15.22 32.16
C GLY A 479 -5.37 -15.57 31.72
N LYS A 480 -5.66 -15.56 30.41
CA LYS A 480 -6.90 -16.15 29.82
C LYS A 480 -6.62 -17.61 29.42
N ILE A 481 -7.55 -18.53 29.66
CA ILE A 481 -7.33 -19.98 29.35
C ILE A 481 -7.45 -20.13 27.83
N LEU A 482 -6.42 -20.72 27.19
CA LEU A 482 -6.32 -20.76 25.71
C LEU A 482 -7.59 -21.39 25.12
N LYS A 483 -8.01 -22.55 25.64
CA LYS A 483 -9.21 -23.32 25.18
C LYS A 483 -8.83 -24.16 23.96
N GLY A 484 -7.68 -23.89 23.34
CA GLY A 484 -6.86 -24.86 22.58
C GLY A 484 -6.26 -25.88 23.52
N GLU A 485 -7.00 -26.21 24.58
CA GLU A 485 -6.89 -27.44 25.39
C GLU A 485 -7.98 -28.44 24.96
N VAL A 486 -8.85 -28.05 24.02
CA VAL A 486 -9.63 -29.00 23.19
C VAL A 486 -8.63 -30.06 22.73
N ARG A 487 -7.48 -29.58 22.22
CA ARG A 487 -6.37 -30.40 21.67
C ARG A 487 -5.93 -31.43 22.70
N ARG A 488 -5.78 -31.03 23.96
CA ARG A 488 -5.12 -31.85 25.03
C ARG A 488 -6.17 -32.76 25.70
N ARG A 489 -7.45 -32.34 25.77
CA ARG A 489 -8.60 -33.18 26.20
C ARG A 489 -9.84 -32.82 25.38
N MET B 1 -17.28 -7.70 -5.83
CA MET B 1 -15.86 -8.03 -6.21
C MET B 1 -14.94 -7.01 -5.54
N ARG B 2 -14.03 -7.45 -4.68
CA ARG B 2 -13.18 -6.56 -3.85
C ARG B 2 -12.02 -6.00 -4.68
N ASN B 3 -11.58 -6.73 -5.70
CA ASN B 3 -10.50 -6.26 -6.59
C ASN B 3 -11.05 -5.38 -7.73
N GLN B 4 -10.98 -4.05 -7.58
CA GLN B 4 -11.57 -3.09 -8.55
C GLN B 4 -10.56 -2.73 -9.65
N GLY B 5 -9.36 -3.30 -9.60
CA GLY B 5 -8.20 -2.90 -10.41
C GLY B 5 -8.00 -3.82 -11.60
N LEU B 6 -6.84 -3.69 -12.27
CA LEU B 6 -6.57 -4.39 -13.56
C LEU B 6 -6.50 -5.90 -13.31
N GLY B 7 -6.12 -6.32 -12.10
CA GLY B 7 -6.05 -7.73 -11.70
C GLY B 7 -7.37 -8.44 -11.94
N SER B 8 -8.50 -7.73 -11.79
CA SER B 8 -9.85 -8.29 -11.99
C SER B 8 -10.23 -8.35 -13.48
N TRP B 9 -9.44 -7.78 -14.39
CA TRP B 9 -9.94 -7.60 -15.79
C TRP B 9 -10.09 -8.97 -16.45
N PRO B 10 -9.06 -9.83 -16.46
CA PRO B 10 -9.21 -11.17 -17.04
C PRO B 10 -10.49 -11.87 -16.54
N VAL B 11 -10.81 -11.78 -15.25
CA VAL B 11 -11.99 -12.53 -14.71
C VAL B 11 -13.27 -11.88 -15.28
N ARG B 12 -13.41 -10.55 -15.23
CA ARG B 12 -14.60 -9.81 -15.76
C ARG B 12 -14.73 -10.05 -17.28
N ARG B 13 -13.63 -10.03 -18.03
CA ARG B 13 -13.72 -10.27 -19.49
C ARG B 13 -14.18 -11.72 -19.76
N ALA B 14 -13.66 -12.70 -19.02
CA ALA B 14 -14.00 -14.14 -19.17
C ALA B 14 -15.48 -14.41 -18.89
N ARG B 15 -16.17 -13.63 -18.07
CA ARG B 15 -17.63 -13.81 -17.83
C ARG B 15 -18.41 -13.39 -19.08
N MET B 16 -17.78 -12.62 -19.96
CA MET B 16 -18.47 -11.87 -21.04
C MET B 16 -18.19 -12.56 -22.38
N SER B 17 -16.93 -12.83 -22.68
CA SER B 17 -16.44 -13.41 -23.95
C SER B 17 -15.32 -14.40 -23.65
N PRO B 18 -15.62 -15.54 -23.01
CA PRO B 18 -14.59 -16.51 -22.65
C PRO B 18 -13.84 -17.07 -23.87
N HIS B 19 -14.56 -17.35 -24.96
CA HIS B 19 -14.02 -18.15 -26.10
C HIS B 19 -13.44 -17.24 -27.20
N ALA B 20 -13.65 -15.92 -27.12
CA ALA B 20 -13.01 -14.92 -28.01
C ALA B 20 -11.50 -14.91 -27.77
N THR B 21 -10.70 -14.71 -28.79
CA THR B 21 -9.22 -14.71 -28.68
C THR B 21 -8.75 -13.33 -28.18
N ALA B 22 -7.91 -13.32 -27.14
CA ALA B 22 -7.45 -12.08 -26.48
C ALA B 22 -6.03 -11.77 -26.92
N VAL B 23 -5.17 -12.77 -27.05
CA VAL B 23 -3.72 -12.57 -27.35
C VAL B 23 -3.29 -13.53 -28.48
N ARG B 24 -2.58 -13.04 -29.49
CA ARG B 24 -1.83 -13.82 -30.51
C ARG B 24 -0.36 -13.46 -30.41
N HIS B 25 0.51 -14.46 -30.43
CA HIS B 25 1.98 -14.29 -30.38
C HIS B 25 2.60 -15.58 -30.92
N GLY B 26 3.49 -15.48 -31.92
CA GLY B 26 3.93 -16.65 -32.72
C GLY B 26 2.75 -17.57 -33.01
N GLY B 27 2.80 -18.81 -32.53
CA GLY B 27 1.68 -19.76 -32.67
C GLY B 27 0.69 -19.67 -31.51
N THR B 28 1.13 -19.15 -30.36
CA THR B 28 0.30 -18.95 -29.14
C THR B 28 -0.93 -18.11 -29.51
N ALA B 29 -2.11 -18.64 -29.21
CA ALA B 29 -3.40 -17.89 -29.12
C ALA B 29 -3.98 -18.16 -27.73
N LEU B 30 -4.22 -17.11 -26.93
CA LEU B 30 -4.94 -17.20 -25.63
C LEU B 30 -6.32 -16.60 -25.82
N THR B 31 -7.36 -17.35 -25.48
CA THR B 31 -8.75 -16.85 -25.32
C THR B 31 -8.81 -16.18 -23.94
N TYR B 32 -9.91 -15.48 -23.64
CA TYR B 32 -10.05 -14.69 -22.40
C TYR B 32 -10.04 -15.65 -21.21
N ALA B 33 -10.78 -16.76 -21.32
CA ALA B 33 -10.81 -17.84 -20.29
C ALA B 33 -9.39 -18.40 -20.07
N GLU B 34 -8.64 -18.65 -21.12
CA GLU B 34 -7.23 -19.15 -21.00
C GLU B 34 -6.38 -18.08 -20.30
N LEU B 35 -6.60 -16.78 -20.59
CA LEU B 35 -5.88 -15.64 -19.92
C LEU B 35 -6.24 -15.58 -18.43
N SER B 36 -7.53 -15.59 -18.07
CA SER B 36 -8.02 -15.58 -16.68
C SER B 36 -7.36 -16.72 -15.88
N ARG B 37 -7.41 -17.95 -16.39
CA ARG B 37 -6.83 -19.13 -15.68
C ARG B 37 -5.30 -18.96 -15.58
N ARG B 38 -4.60 -18.52 -16.62
CA ARG B 38 -3.12 -18.40 -16.58
C ARG B 38 -2.72 -17.29 -15.58
N VAL B 39 -3.57 -16.27 -15.43
CA VAL B 39 -3.33 -15.09 -14.56
C VAL B 39 -3.52 -15.56 -13.11
N ALA B 40 -4.66 -16.19 -12.83
CA ALA B 40 -4.99 -16.77 -11.50
C ALA B 40 -3.86 -17.70 -11.04
N ARG B 41 -3.23 -18.47 -11.94
CA ARG B 41 -2.13 -19.41 -11.57
C ARG B 41 -0.86 -18.64 -11.23
N LEU B 42 -0.53 -17.57 -11.98
CA LEU B 42 0.70 -16.77 -11.71
C LEU B 42 0.51 -15.97 -10.42
N ALA B 43 -0.72 -15.55 -10.11
CA ALA B 43 -1.04 -14.75 -8.91
C ALA B 43 -0.79 -15.63 -7.69
N HIS B 44 -1.47 -16.79 -7.61
CA HIS B 44 -1.27 -17.82 -6.55
C HIS B 44 0.22 -18.17 -6.45
N GLY B 45 0.89 -18.30 -7.58
CA GLY B 45 2.34 -18.52 -7.67
C GLY B 45 3.15 -17.40 -7.04
N LEU B 46 2.77 -16.15 -7.28
CA LEU B 46 3.52 -15.01 -6.69
C LEU B 46 3.30 -15.03 -5.17
N ARG B 47 2.05 -15.20 -4.73
CA ARG B 47 1.69 -15.42 -3.31
C ARG B 47 2.67 -16.44 -2.69
N GLU B 48 2.79 -17.62 -3.31
CA GLU B 48 3.57 -18.77 -2.77
C GLU B 48 5.06 -18.43 -2.78
N ALA B 49 5.52 -17.58 -3.72
CA ALA B 49 6.93 -17.12 -3.78
C ALA B 49 7.15 -15.99 -2.78
N GLY B 50 6.08 -15.61 -2.06
CA GLY B 50 6.11 -14.69 -0.90
C GLY B 50 5.82 -13.25 -1.29
N VAL B 51 5.00 -13.04 -2.32
CA VAL B 51 4.56 -11.69 -2.78
C VAL B 51 3.30 -11.29 -1.98
N ARG B 52 3.34 -10.12 -1.36
CA ARG B 52 2.25 -9.58 -0.50
C ARG B 52 1.78 -8.24 -1.07
N PRO B 53 0.56 -7.77 -0.71
CA PRO B 53 0.07 -6.48 -1.19
C PRO B 53 1.09 -5.33 -1.07
N GLY B 54 1.26 -4.58 -2.17
CA GLY B 54 2.20 -3.44 -2.24
C GLY B 54 3.59 -3.84 -2.67
N ASP B 55 3.91 -5.13 -2.75
CA ASP B 55 5.25 -5.62 -3.21
C ASP B 55 5.43 -5.35 -4.71
N ARG B 56 6.66 -5.14 -5.17
CA ARG B 56 6.91 -4.88 -6.61
C ARG B 56 7.47 -6.14 -7.29
N VAL B 57 6.87 -6.49 -8.43
CA VAL B 57 7.30 -7.58 -9.35
C VAL B 57 7.71 -6.94 -10.70
N ALA B 58 9.00 -6.97 -11.04
CA ALA B 58 9.56 -6.50 -12.32
C ALA B 58 9.41 -7.58 -13.41
N TYR B 59 9.26 -7.13 -14.66
CA TYR B 59 9.25 -7.99 -15.89
C TYR B 59 10.31 -7.47 -16.85
N LEU B 60 11.27 -8.31 -17.23
CA LEU B 60 12.37 -7.98 -18.17
C LEU B 60 12.24 -8.91 -19.38
N GLY B 61 11.72 -8.39 -20.48
CA GLY B 61 11.39 -9.15 -21.69
C GLY B 61 10.64 -8.29 -22.70
N PRO B 62 10.40 -8.80 -23.92
CA PRO B 62 9.77 -8.02 -24.97
C PRO B 62 8.24 -8.12 -24.89
N ASN B 63 7.54 -7.44 -25.81
CA ASN B 63 6.10 -7.69 -26.04
C ASN B 63 5.95 -9.21 -26.13
N HIS B 64 5.06 -9.79 -25.34
CA HIS B 64 4.93 -11.26 -25.12
C HIS B 64 3.78 -11.52 -24.16
N PRO B 65 3.01 -12.61 -24.33
CA PRO B 65 1.94 -12.96 -23.38
C PRO B 65 2.30 -12.90 -21.88
N ALA B 66 3.58 -13.13 -21.55
CA ALA B 66 4.10 -13.12 -20.16
C ALA B 66 4.03 -11.71 -19.57
N TYR B 67 4.18 -10.68 -20.40
CA TYR B 67 4.04 -9.25 -20.02
C TYR B 67 2.64 -9.06 -19.44
N LEU B 68 1.61 -9.44 -20.18
CA LEU B 68 0.21 -9.22 -19.76
C LEU B 68 -0.10 -10.11 -18.56
N GLU B 69 0.40 -11.36 -18.58
CA GLU B 69 0.16 -12.33 -17.50
C GLU B 69 0.76 -11.76 -16.21
N THR B 70 2.00 -11.29 -16.23
CA THR B 70 2.64 -10.66 -15.05
C THR B 70 1.85 -9.42 -14.61
N LEU B 71 1.38 -8.60 -15.55
CA LEU B 71 0.64 -7.35 -15.26
C LEU B 71 -0.62 -7.71 -14.48
N PHE B 72 -1.44 -8.61 -15.01
CA PHE B 72 -2.77 -8.93 -14.45
C PHE B 72 -2.55 -9.71 -13.13
N ALA B 73 -1.50 -10.51 -13.05
CA ALA B 73 -1.19 -11.37 -11.89
C ALA B 73 -0.85 -10.46 -10.71
N CYS B 74 0.08 -9.53 -10.93
CA CYS B 74 0.44 -8.48 -9.93
C CYS B 74 -0.82 -7.86 -9.35
N GLY B 75 -1.68 -7.32 -10.22
CA GLY B 75 -2.99 -6.77 -9.85
C GLY B 75 -3.78 -7.75 -8.99
N GLN B 76 -3.83 -9.01 -9.43
CA GLN B 76 -4.61 -10.06 -8.73
C GLN B 76 -3.98 -10.37 -7.37
N ALA B 77 -2.64 -10.25 -7.21
CA ALA B 77 -1.90 -10.48 -5.94
C ALA B 77 -1.82 -9.20 -5.10
N GLY B 78 -2.44 -8.10 -5.54
CA GLY B 78 -2.38 -6.79 -4.85
C GLY B 78 -0.99 -6.19 -4.93
N ALA B 79 -0.17 -6.62 -5.89
CA ALA B 79 1.24 -6.17 -6.03
C ALA B 79 1.30 -5.02 -7.05
N VAL B 80 2.47 -4.39 -7.15
CA VAL B 80 2.79 -3.28 -8.07
C VAL B 80 3.67 -3.85 -9.19
N PHE B 81 3.24 -3.77 -10.44
CA PHE B 81 3.98 -4.29 -11.62
C PHE B 81 5.08 -3.30 -12.00
N VAL B 82 6.23 -3.78 -12.45
CA VAL B 82 7.36 -2.91 -12.90
C VAL B 82 7.89 -3.40 -14.25
N PRO B 83 7.36 -2.91 -15.40
CA PRO B 83 7.87 -3.30 -16.72
C PRO B 83 9.18 -2.57 -17.02
N LEU B 84 10.29 -3.31 -16.96
CA LEU B 84 11.63 -2.74 -17.24
C LEU B 84 11.78 -2.44 -18.73
N ASN B 85 12.62 -1.48 -19.05
CA ASN B 85 12.97 -1.15 -20.46
C ASN B 85 14.08 -2.13 -20.83
N PHE B 86 13.80 -3.09 -21.72
CA PHE B 86 14.66 -4.26 -22.00
C PHE B 86 15.96 -3.86 -22.71
N ARG B 87 16.08 -2.62 -23.19
CA ARG B 87 17.24 -2.12 -23.99
C ARG B 87 18.34 -1.54 -23.07
N LEU B 88 18.08 -1.39 -21.78
CA LEU B 88 18.99 -0.70 -20.82
C LEU B 88 20.17 -1.60 -20.40
N GLY B 89 21.30 -0.98 -20.05
CA GLY B 89 22.47 -1.67 -19.47
C GLY B 89 22.20 -2.24 -18.07
N VAL B 90 23.11 -3.08 -17.58
CA VAL B 90 23.04 -3.71 -16.22
C VAL B 90 23.03 -2.60 -15.16
N PRO B 91 23.93 -1.60 -15.21
CA PRO B 91 23.89 -0.52 -14.23
C PRO B 91 22.48 0.10 -14.12
N GLU B 92 21.78 0.26 -15.24
CA GLU B 92 20.46 0.97 -15.31
C GLU B 92 19.34 0.07 -14.79
N LEU B 93 19.31 -1.20 -15.20
CA LEU B 93 18.41 -2.24 -14.65
C LEU B 93 18.55 -2.24 -13.12
N ASP B 94 19.80 -2.23 -12.63
CA ASP B 94 20.16 -2.27 -11.19
C ASP B 94 19.48 -1.10 -10.50
N HIS B 95 19.61 0.11 -11.09
CA HIS B 95 19.06 1.37 -10.55
C HIS B 95 17.53 1.27 -10.48
N ALA B 96 16.89 0.73 -11.52
CA ALA B 96 15.42 0.61 -11.61
C ALA B 96 14.93 -0.40 -10.56
N LEU B 97 15.69 -1.49 -10.33
CA LEU B 97 15.33 -2.57 -9.37
C LEU B 97 15.57 -2.10 -7.92
N ALA B 98 16.67 -1.39 -7.65
CA ALA B 98 16.96 -0.76 -6.33
C ALA B 98 15.84 0.23 -5.99
N ASP B 99 15.52 1.16 -6.90
CA ASP B 99 14.61 2.29 -6.65
C ASP B 99 13.18 1.75 -6.40
N SER B 100 12.69 0.83 -7.24
CA SER B 100 11.35 0.22 -7.10
C SER B 100 11.34 -0.74 -5.90
N GLY B 101 12.51 -1.27 -5.54
CA GLY B 101 12.68 -2.34 -4.54
C GLY B 101 11.93 -3.60 -4.94
N ALA B 102 11.98 -3.95 -6.23
CA ALA B 102 11.39 -5.19 -6.74
C ALA B 102 11.87 -6.36 -5.87
N SER B 103 10.97 -7.25 -5.49
CA SER B 103 11.26 -8.46 -4.67
C SER B 103 11.28 -9.71 -5.57
N VAL B 104 10.66 -9.63 -6.75
CA VAL B 104 10.66 -10.68 -7.81
C VAL B 104 10.95 -10.01 -9.16
N LEU B 105 11.87 -10.58 -9.94
CA LEU B 105 12.13 -10.24 -11.36
C LEU B 105 11.82 -11.46 -12.23
N ILE B 106 10.72 -11.43 -12.98
CA ILE B 106 10.34 -12.44 -14.02
C ILE B 106 10.95 -12.00 -15.37
N HIS B 107 11.65 -12.91 -16.06
CA HIS B 107 12.38 -12.60 -17.32
C HIS B 107 12.18 -13.72 -18.35
N THR B 108 12.48 -13.42 -19.62
CA THR B 108 12.43 -14.35 -20.77
C THR B 108 13.84 -14.88 -21.04
N PRO B 109 13.93 -16.11 -21.59
CA PRO B 109 15.21 -16.79 -21.79
C PRO B 109 16.35 -15.94 -22.35
N GLU B 110 16.06 -15.03 -23.31
CA GLU B 110 17.11 -14.22 -23.99
C GLU B 110 17.82 -13.26 -23.02
N HIS B 111 17.22 -12.93 -21.86
CA HIS B 111 17.80 -11.96 -20.88
C HIS B 111 18.49 -12.69 -19.73
N ALA B 112 18.43 -14.02 -19.74
CA ALA B 112 18.95 -14.92 -18.68
C ALA B 112 20.37 -14.50 -18.29
N GLU B 113 21.22 -14.25 -19.27
CA GLU B 113 22.62 -13.81 -19.02
C GLU B 113 22.55 -12.55 -18.17
N THR B 114 21.94 -11.48 -18.72
CA THR B 114 21.85 -10.13 -18.08
C THR B 114 21.24 -10.27 -16.67
N VAL B 115 20.15 -11.01 -16.50
CA VAL B 115 19.49 -11.23 -15.17
C VAL B 115 20.47 -11.81 -14.16
N ALA B 116 21.33 -12.76 -14.55
CA ALA B 116 22.32 -13.44 -13.68
C ALA B 116 23.42 -12.45 -13.23
N ALA B 117 23.63 -11.36 -13.98
CA ALA B 117 24.62 -10.30 -13.69
C ALA B 117 24.06 -9.18 -12.77
N LEU B 118 22.79 -9.24 -12.33
CA LEU B 118 22.14 -8.11 -11.60
C LEU B 118 22.54 -8.17 -10.11
N ALA B 119 22.74 -7.00 -9.49
CA ALA B 119 23.25 -6.79 -8.11
C ALA B 119 22.48 -7.67 -7.10
N ASP B 121 20.58 -9.25 -4.86
CA ASP B 121 20.87 -10.56 -4.24
C ASP B 121 19.75 -10.94 -3.27
N ARG B 122 18.97 -9.97 -2.78
CA ARG B 122 17.64 -10.19 -2.14
C ARG B 122 16.54 -9.89 -3.18
N LEU B 123 16.78 -10.26 -4.44
CA LEU B 123 15.79 -10.29 -5.53
C LEU B 123 15.60 -11.74 -5.99
N LEU B 124 14.36 -12.20 -6.11
CA LEU B 124 14.04 -13.56 -6.64
C LEU B 124 13.87 -13.45 -8.16
N ARG B 125 14.89 -13.90 -8.90
CA ARG B 125 15.00 -13.87 -10.38
C ARG B 125 14.56 -15.23 -10.91
N VAL B 126 13.43 -15.28 -11.61
CA VAL B 126 12.76 -16.53 -12.05
C VAL B 126 12.40 -16.40 -13.52
N PRO B 127 12.68 -17.42 -14.36
CA PRO B 127 12.33 -17.35 -15.78
C PRO B 127 10.81 -17.37 -15.90
N ALA B 128 10.25 -16.75 -16.93
CA ALA B 128 8.79 -16.73 -17.17
C ALA B 128 8.32 -18.19 -17.25
N GLY B 129 7.25 -18.54 -16.52
CA GLY B 129 6.59 -19.85 -16.61
C GLY B 129 6.85 -20.71 -15.39
N GLU B 130 7.98 -20.49 -14.69
CA GLU B 130 8.39 -21.31 -13.52
C GLU B 130 7.46 -21.02 -12.34
N LEU B 131 7.30 -19.73 -12.02
CA LEU B 131 6.71 -19.28 -10.74
C LEU B 131 5.25 -19.68 -10.70
N GLU B 132 4.61 -19.76 -11.86
CA GLU B 132 3.20 -20.20 -12.03
C GLU B 132 2.92 -21.37 -11.09
N ALA B 133 1.76 -21.37 -10.43
CA ALA B 133 1.36 -22.33 -9.38
C ALA B 133 0.23 -23.22 -9.91
N ALA B 134 -0.58 -23.77 -9.02
CA ALA B 134 -1.42 -24.97 -9.30
C ALA B 134 -2.84 -24.82 -8.76
N ASP B 135 -3.26 -23.61 -8.40
CA ASP B 135 -4.70 -23.21 -8.31
C ASP B 135 -4.91 -22.33 -9.54
N ASP B 136 -6.11 -22.32 -10.10
CA ASP B 136 -6.44 -21.47 -11.27
C ASP B 136 -7.81 -20.82 -11.01
N GLU B 137 -8.22 -20.77 -9.75
CA GLU B 137 -9.35 -19.94 -9.28
C GLU B 137 -8.79 -18.56 -8.96
N PRO B 138 -9.40 -17.47 -9.49
CA PRO B 138 -8.92 -16.11 -9.21
C PRO B 138 -9.00 -15.73 -7.72
N LEU B 139 -7.89 -15.24 -7.16
CA LEU B 139 -7.90 -14.42 -5.91
C LEU B 139 -8.75 -13.16 -6.13
N ASP B 140 -9.48 -12.77 -5.09
CA ASP B 140 -10.19 -11.48 -4.94
C ASP B 140 -9.72 -10.73 -3.68
N LEU B 141 -8.50 -10.18 -3.70
CA LEU B 141 -7.93 -9.25 -2.69
C LEU B 141 -8.56 -7.85 -2.82
N PRO B 142 -8.70 -7.08 -1.72
CA PRO B 142 -9.21 -5.71 -1.81
C PRO B 142 -8.20 -4.79 -2.52
N VAL B 143 -8.57 -4.30 -3.69
CA VAL B 143 -7.76 -3.32 -4.48
C VAL B 143 -8.69 -2.17 -4.87
N GLY B 144 -8.38 -0.97 -4.41
CA GLY B 144 -9.09 0.26 -4.85
C GLY B 144 -8.41 0.87 -6.06
N LEU B 145 -9.12 1.75 -6.75
CA LEU B 145 -8.62 2.46 -7.96
C LEU B 145 -7.46 3.39 -7.59
N ASP B 146 -7.36 3.89 -6.36
CA ASP B 146 -6.23 4.77 -5.92
C ASP B 146 -4.99 3.93 -5.54
N ASP B 147 -5.08 2.60 -5.51
CA ASP B 147 -3.91 1.73 -5.28
C ASP B 147 -3.01 1.79 -6.53
N VAL B 148 -1.69 1.84 -6.33
CA VAL B 148 -0.70 1.83 -7.45
C VAL B 148 -0.81 0.50 -8.21
N CYS B 149 -0.95 0.58 -9.54
CA CYS B 149 -0.92 -0.59 -10.44
C CYS B 149 0.51 -0.83 -10.91
N LEU B 150 1.23 0.20 -11.35
CA LEU B 150 2.59 -0.04 -11.88
C LEU B 150 3.48 1.19 -11.74
N LEU B 151 4.78 0.96 -11.78
CA LEU B 151 5.81 2.02 -11.78
C LEU B 151 6.37 2.04 -13.19
N MET B 152 6.30 3.19 -13.84
CA MET B 152 6.84 3.36 -15.21
C MET B 152 7.92 4.44 -15.18
N TYR B 153 9.15 4.02 -15.43
CA TYR B 153 10.35 4.85 -15.26
C TYR B 153 10.40 5.84 -16.42
N THR B 154 10.60 7.12 -16.12
CA THR B 154 10.74 8.26 -17.06
C THR B 154 12.20 8.69 -17.21
N SER B 155 12.80 8.47 -18.39
CA SER B 155 14.15 8.96 -18.81
C SER B 155 14.57 10.19 -17.99
N THR B 158 18.29 14.73 -17.41
CA THR B 158 18.02 15.72 -16.35
C THR B 158 17.74 15.03 -15.01
N GLY B 159 18.66 14.19 -14.56
CA GLY B 159 18.56 13.40 -13.31
C GLY B 159 18.44 11.91 -13.59
N ARG B 160 18.50 11.06 -12.57
CA ARG B 160 18.27 9.60 -12.74
C ARG B 160 16.78 9.34 -13.01
N PRO B 161 16.40 8.18 -13.62
CA PRO B 161 15.00 7.85 -13.84
C PRO B 161 14.11 7.79 -12.58
N LYS B 162 12.87 8.24 -12.72
CA LYS B 162 11.87 8.37 -11.65
C LYS B 162 10.67 7.48 -11.98
N GLY B 163 10.19 6.70 -11.03
CA GLY B 163 9.04 5.80 -11.24
C GLY B 163 7.74 6.57 -11.13
N ALA B 164 7.08 6.83 -12.26
CA ALA B 164 5.68 7.34 -12.32
C ALA B 164 4.73 6.30 -11.70
N MET B 165 4.07 6.65 -10.59
CA MET B 165 3.09 5.77 -9.91
C MET B 165 1.78 5.91 -10.65
N LEU B 166 1.45 4.96 -11.52
CA LEU B 166 0.13 4.94 -12.21
C LEU B 166 -0.80 4.00 -11.44
N THR B 167 -1.90 4.53 -10.94
CA THR B 167 -2.90 3.79 -10.15
C THR B 167 -3.75 2.94 -11.10
N HIS B 168 -4.42 1.94 -10.56
CA HIS B 168 -5.46 1.18 -11.30
C HIS B 168 -6.41 2.21 -11.91
N GLY B 169 -6.82 3.23 -11.14
CA GLY B 169 -7.68 4.35 -11.58
C GLY B 169 -7.12 5.07 -12.81
N ASN B 170 -5.83 5.41 -12.80
CA ASN B 170 -5.16 6.15 -13.89
C ASN B 170 -5.34 5.39 -15.20
N LEU B 171 -5.01 4.10 -15.22
CA LEU B 171 -5.05 3.27 -16.46
C LEU B 171 -6.50 2.99 -16.84
N THR B 172 -7.39 2.78 -15.87
CA THR B 172 -8.83 2.57 -16.18
C THR B 172 -9.37 3.83 -16.88
N TRP B 173 -9.14 5.00 -16.30
CA TRP B 173 -9.71 6.29 -16.81
C TRP B 173 -9.05 6.68 -18.13
N ASN B 174 -7.78 6.33 -18.33
CA ASN B 174 -7.13 6.49 -19.66
C ASN B 174 -7.85 5.62 -20.71
N CYS B 175 -8.18 4.36 -20.41
CA CYS B 175 -8.92 3.45 -21.31
C CYS B 175 -10.31 4.03 -21.58
N VAL B 176 -11.00 4.52 -20.56
CA VAL B 176 -12.30 5.21 -20.77
C VAL B 176 -12.07 6.38 -21.75
N ASN B 177 -11.03 7.17 -21.57
CA ASN B 177 -10.78 8.32 -22.49
C ASN B 177 -10.68 7.79 -23.93
N VAL B 178 -9.97 6.67 -24.13
CA VAL B 178 -9.71 6.12 -25.49
C VAL B 178 -11.03 5.67 -26.08
N LEU B 179 -11.85 4.96 -25.31
CA LEU B 179 -13.16 4.44 -25.79
C LEU B 179 -14.06 5.62 -26.10
N VAL B 180 -13.89 6.76 -25.43
CA VAL B 180 -14.76 7.93 -25.68
C VAL B 180 -14.35 8.56 -27.01
N GLU B 181 -13.05 8.75 -27.28
CA GLU B 181 -12.59 9.58 -28.43
C GLU B 181 -12.34 8.75 -29.70
N THR B 182 -12.14 7.43 -29.57
CA THR B 182 -11.92 6.52 -30.74
C THR B 182 -13.00 5.42 -30.76
N ASP B 183 -13.30 4.93 -31.96
CA ASP B 183 -14.35 3.92 -32.24
C ASP B 183 -13.68 2.55 -32.32
N LEU B 184 -13.79 1.76 -31.26
CA LEU B 184 -13.29 0.37 -31.18
C LEU B 184 -14.50 -0.55 -31.07
N ALA B 185 -14.34 -1.80 -31.48
CA ALA B 185 -15.43 -2.79 -31.43
C ALA B 185 -14.94 -4.11 -30.83
N SER B 186 -15.90 -4.98 -30.50
CA SER B 186 -15.72 -6.40 -30.13
C SER B 186 -14.75 -7.10 -31.08
N ASP B 187 -14.80 -6.80 -32.37
CA ASP B 187 -14.03 -7.59 -33.38
C ASP B 187 -12.72 -6.89 -33.71
N GLU B 188 -12.16 -6.12 -32.77
CA GLU B 188 -10.92 -5.36 -33.03
C GLU B 188 -9.76 -6.35 -33.10
N ARG B 189 -8.78 -6.09 -33.96
CA ARG B 189 -7.54 -6.89 -34.10
C ARG B 189 -6.39 -5.90 -34.12
N ALA B 190 -5.74 -5.72 -32.98
CA ALA B 190 -4.83 -4.59 -32.70
C ALA B 190 -3.39 -5.10 -32.72
N LEU B 191 -2.54 -4.51 -33.55
CA LEU B 191 -1.12 -4.94 -33.68
C LEU B 191 -0.26 -4.08 -32.76
N VAL B 192 0.49 -4.71 -31.86
CA VAL B 192 1.33 -4.05 -30.82
C VAL B 192 2.80 -4.39 -31.13
N ALA B 193 3.43 -3.54 -31.93
CA ALA B 193 4.85 -3.65 -32.33
C ALA B 193 5.66 -2.51 -31.68
N ALA B 194 4.98 -1.54 -31.05
CA ALA B 194 5.60 -0.61 -30.08
C ALA B 194 5.67 -1.28 -28.71
N PRO B 195 6.65 -0.93 -27.86
CA PRO B 195 6.85 -1.63 -26.59
C PRO B 195 5.75 -1.38 -25.53
N LEU B 196 5.27 -2.44 -24.91
CA LEU B 196 4.26 -2.39 -23.81
C LEU B 196 4.88 -1.80 -22.52
N PHE B 197 6.21 -1.70 -22.46
CA PHE B 197 6.91 -1.05 -21.31
C PHE B 197 6.75 0.48 -21.39
N HIS B 198 6.25 1.01 -22.52
CA HIS B 198 5.80 2.43 -22.66
C HIS B 198 4.29 2.52 -22.41
N ALA B 199 3.87 3.63 -21.80
CA ALA B 199 2.45 3.91 -21.49
C ALA B 199 1.65 3.86 -22.79
N ALA B 200 2.27 4.18 -23.92
CA ALA B 200 1.54 4.42 -25.19
C ALA B 200 0.90 3.13 -25.69
N ALA B 201 1.70 2.12 -26.06
CA ALA B 201 1.21 0.80 -26.51
C ALA B 201 0.25 0.21 -25.49
N LEU B 202 0.58 0.32 -24.21
CA LEU B 202 -0.17 -0.34 -23.12
C LEU B 202 -1.51 0.36 -22.95
N GLY B 203 -1.46 1.68 -22.74
CA GLY B 203 -2.61 2.55 -22.42
C GLY B 203 -3.49 2.80 -23.64
N MET B 204 -2.89 3.06 -24.80
CA MET B 204 -3.65 3.59 -25.97
C MET B 204 -4.28 2.44 -26.77
N VAL B 205 -3.77 1.22 -26.67
CA VAL B 205 -4.12 0.13 -27.64
C VAL B 205 -4.38 -1.19 -26.91
N CYS B 206 -3.38 -1.69 -26.18
CA CYS B 206 -3.46 -3.03 -25.56
C CYS B 206 -4.67 -3.08 -24.63
N LEU B 207 -4.65 -2.28 -23.54
CA LEU B 207 -5.68 -2.38 -22.47
C LEU B 207 -7.05 -2.10 -23.07
N PRO B 208 -7.23 -1.04 -23.90
CA PRO B 208 -8.56 -0.73 -24.43
C PRO B 208 -9.09 -1.85 -25.33
N THR B 209 -8.23 -2.48 -26.15
CA THR B 209 -8.62 -3.63 -27.00
C THR B 209 -9.07 -4.81 -26.12
N LEU B 210 -8.36 -5.13 -25.03
CA LEU B 210 -8.74 -6.26 -24.13
C LEU B 210 -10.07 -5.95 -23.44
N LEU B 211 -10.24 -4.70 -23.06
CA LEU B 211 -11.42 -4.22 -22.32
C LEU B 211 -12.63 -4.30 -23.24
N LYS B 212 -12.43 -4.16 -24.56
CA LYS B 212 -13.51 -4.16 -25.58
C LYS B 212 -13.75 -5.58 -26.11
N GLY B 213 -12.92 -6.57 -25.74
CA GLY B 213 -13.16 -7.99 -26.03
C GLY B 213 -12.60 -8.40 -27.38
N GLY B 214 -11.58 -7.67 -27.85
CA GLY B 214 -10.89 -7.90 -29.12
C GLY B 214 -9.58 -8.63 -28.91
N THR B 215 -8.76 -8.65 -29.94
CA THR B 215 -7.56 -9.50 -30.04
C THR B 215 -6.33 -8.60 -30.11
N VAL B 216 -5.35 -8.84 -29.23
CA VAL B 216 -4.07 -8.08 -29.19
C VAL B 216 -2.99 -8.95 -29.82
N ILE B 217 -2.46 -8.52 -30.97
CA ILE B 217 -1.42 -9.26 -31.74
C ILE B 217 -0.06 -8.69 -31.36
N LEU B 218 0.77 -9.42 -30.61
CA LEU B 218 2.07 -8.88 -30.15
C LEU B 218 3.19 -9.31 -31.11
N HIS B 219 4.11 -8.40 -31.40
CA HIS B 219 5.41 -8.66 -32.05
C HIS B 219 6.52 -8.29 -31.07
N SER B 220 7.42 -9.23 -30.78
CA SER B 220 8.53 -9.04 -29.80
C SER B 220 9.51 -8.00 -30.33
N ALA B 221 9.49 -7.75 -31.64
CA ALA B 221 10.40 -6.83 -32.35
C ALA B 221 9.60 -5.99 -33.35
N PHE B 222 10.08 -4.78 -33.67
CA PHE B 222 9.60 -3.97 -34.81
C PHE B 222 10.37 -4.37 -36.07
N ASP B 223 9.66 -4.96 -37.02
CA ASP B 223 10.13 -5.14 -38.41
C ASP B 223 9.03 -4.60 -39.31
N PRO B 224 9.33 -3.62 -40.20
CA PRO B 224 8.33 -3.07 -41.12
C PRO B 224 7.65 -4.17 -41.96
N GLY B 225 8.43 -5.17 -42.40
CA GLY B 225 7.97 -6.25 -43.28
C GLY B 225 7.02 -7.16 -42.56
N ALA B 226 7.38 -7.58 -41.34
CA ALA B 226 6.53 -8.42 -40.47
C ALA B 226 5.23 -7.68 -40.17
N VAL B 227 5.28 -6.35 -40.02
CA VAL B 227 4.08 -5.52 -39.73
C VAL B 227 3.19 -5.52 -40.98
N LEU B 228 3.77 -5.27 -42.15
CA LEU B 228 2.98 -5.30 -43.41
C LEU B 228 2.34 -6.68 -43.60
N SER B 229 3.10 -7.78 -43.49
CA SER B 229 2.57 -9.18 -43.64
C SER B 229 1.46 -9.42 -42.62
N ALA B 230 1.71 -9.04 -41.37
CA ALA B 230 0.77 -9.18 -40.24
C ALA B 230 -0.56 -8.49 -40.60
N VAL B 231 -0.51 -7.25 -41.09
CA VAL B 231 -1.72 -6.46 -41.46
C VAL B 231 -2.62 -7.25 -42.41
N GLU B 232 -2.07 -7.79 -43.50
CA GLU B 232 -2.88 -8.51 -44.53
C GLU B 232 -3.17 -9.94 -44.05
N GLN B 233 -2.19 -10.66 -43.47
CA GLN B 233 -2.42 -12.09 -43.07
C GLN B 233 -3.40 -12.16 -41.89
N GLU B 234 -3.29 -11.25 -40.93
CA GLU B 234 -4.10 -11.30 -39.68
C GLU B 234 -5.34 -10.42 -39.81
N ARG B 235 -5.41 -9.54 -40.82
CA ARG B 235 -6.55 -8.60 -41.03
C ARG B 235 -6.63 -7.62 -39.85
N VAL B 236 -5.48 -7.02 -39.49
CA VAL B 236 -5.34 -6.00 -38.40
C VAL B 236 -6.31 -4.85 -38.70
N THR B 237 -7.06 -4.39 -37.70
CA THR B 237 -7.94 -3.19 -37.80
C THR B 237 -7.25 -1.98 -37.13
N LEU B 238 -6.31 -2.18 -36.21
CA LEU B 238 -5.84 -1.15 -35.26
C LEU B 238 -4.35 -1.35 -35.05
N VAL B 239 -3.58 -0.29 -35.26
CA VAL B 239 -2.10 -0.24 -35.10
C VAL B 239 -1.78 1.01 -34.30
N PHE B 240 -0.85 0.93 -33.35
CA PHE B 240 -0.19 2.11 -32.72
C PHE B 240 1.27 2.12 -33.14
N GLY B 241 1.80 3.31 -33.43
CA GLY B 241 3.23 3.53 -33.70
C GLY B 241 3.63 4.98 -33.44
N VAL B 242 4.93 5.24 -33.43
CA VAL B 242 5.53 6.61 -33.44
C VAL B 242 5.84 6.96 -34.89
N PRO B 243 5.92 8.25 -35.29
CA PRO B 243 6.31 8.60 -36.66
C PRO B 243 7.39 7.69 -37.28
N THR B 244 8.47 7.39 -36.57
CA THR B 244 9.59 6.58 -37.14
C THR B 244 9.06 5.22 -37.60
N MET B 245 8.14 4.61 -36.86
CA MET B 245 7.62 3.26 -37.21
C MET B 245 6.72 3.33 -38.46
N TYR B 246 6.01 4.44 -38.66
CA TYR B 246 5.12 4.62 -39.83
C TYR B 246 5.98 5.03 -41.04
N GLN B 247 7.08 5.74 -40.80
CA GLN B 247 8.13 6.09 -41.80
C GLN B 247 8.77 4.80 -42.31
N ALA B 248 9.15 3.87 -41.44
CA ALA B 248 9.84 2.61 -41.84
C ALA B 248 8.88 1.71 -42.62
N ILE B 249 7.61 1.66 -42.22
CA ILE B 249 6.55 0.86 -42.89
C ILE B 249 6.31 1.36 -44.32
N ALA B 250 6.14 2.68 -44.51
CA ALA B 250 5.79 3.29 -45.81
C ALA B 250 6.97 3.16 -46.80
N ALA B 251 8.19 2.98 -46.29
CA ALA B 251 9.47 3.06 -47.03
C ALA B 251 9.93 1.67 -47.48
N HIS B 252 9.22 0.62 -47.06
CA HIS B 252 9.59 -0.80 -47.33
C HIS B 252 9.05 -1.21 -48.71
N PRO B 253 9.84 -2.00 -49.48
CA PRO B 253 9.40 -2.55 -50.77
C PRO B 253 7.92 -2.93 -50.94
N ARG B 254 7.31 -3.54 -49.93
CA ARG B 254 5.93 -4.12 -50.02
C ARG B 254 4.88 -3.13 -49.52
N TRP B 255 5.25 -1.85 -49.31
CA TRP B 255 4.30 -0.77 -48.95
C TRP B 255 3.13 -0.75 -49.93
N ARG B 256 3.41 -0.73 -51.25
CA ARG B 256 2.39 -0.61 -52.33
C ARG B 256 1.68 -1.95 -52.51
N SER B 257 2.42 -3.06 -52.46
CA SER B 257 1.92 -4.44 -52.73
C SER B 257 0.94 -4.92 -51.64
N THR B 258 1.12 -4.50 -50.38
CA THR B 258 0.42 -5.10 -49.20
C THR B 258 -1.05 -4.67 -49.22
N ASP B 259 -1.97 -5.58 -48.88
CA ASP B 259 -3.44 -5.29 -48.72
C ASP B 259 -3.70 -4.70 -47.33
N LEU B 260 -4.17 -3.44 -47.29
CA LEU B 260 -4.36 -2.61 -46.06
C LEU B 260 -5.84 -2.27 -45.83
N SER B 261 -6.76 -2.87 -46.59
CA SER B 261 -8.22 -2.59 -46.51
C SER B 261 -8.78 -2.93 -45.11
N SER B 262 -8.07 -3.75 -44.32
CA SER B 262 -8.53 -4.25 -42.99
C SER B 262 -8.38 -3.15 -41.93
N LEU B 263 -7.33 -2.31 -42.05
CA LEU B 263 -7.03 -1.15 -41.15
C LEU B 263 -8.23 -0.20 -41.10
N ARG B 264 -8.75 0.05 -39.89
CA ARG B 264 -9.86 1.00 -39.57
C ARG B 264 -9.29 2.24 -38.88
N THR B 265 -8.38 2.04 -37.93
CA THR B 265 -7.83 3.08 -37.00
C THR B 265 -6.30 2.95 -36.96
N LEU B 266 -5.59 3.98 -37.44
CA LEU B 266 -4.11 4.11 -37.35
C LEU B 266 -3.77 5.17 -36.30
N LEU B 267 -3.33 4.78 -35.08
CA LEU B 267 -2.93 5.71 -34.00
C LEU B 267 -1.42 6.02 -34.10
N CYS B 268 -1.07 7.30 -34.14
CA CYS B 268 0.32 7.78 -34.01
C CYS B 268 0.44 8.62 -32.75
N GLY B 269 1.48 8.40 -31.95
CA GLY B 269 1.83 9.21 -30.77
C GLY B 269 3.33 9.47 -30.70
N GLY B 270 3.82 10.03 -29.58
CA GLY B 270 5.25 10.15 -29.24
C GLY B 270 5.84 11.48 -29.66
N ALA B 271 5.43 11.95 -30.86
CA ALA B 271 5.92 13.15 -31.58
C ALA B 271 4.93 13.45 -32.69
N PRO B 272 4.91 14.68 -33.29
CA PRO B 272 3.94 14.99 -34.34
C PRO B 272 4.29 14.29 -35.66
N VAL B 273 3.27 13.86 -36.43
CA VAL B 273 3.51 13.24 -37.75
C VAL B 273 3.99 14.34 -38.68
N PRO B 274 5.19 14.20 -39.29
CA PRO B 274 5.62 15.11 -40.34
C PRO B 274 4.55 15.18 -41.42
N ALA B 275 4.32 16.36 -41.99
CA ALA B 275 3.36 16.61 -43.08
C ALA B 275 3.52 15.55 -44.18
N ASP B 276 4.76 15.28 -44.61
CA ASP B 276 5.06 14.38 -45.76
C ASP B 276 4.54 12.98 -45.47
N LEU B 277 4.72 12.51 -44.23
CA LEU B 277 4.32 11.16 -43.78
C LEU B 277 2.78 11.07 -43.75
N ALA B 278 2.10 12.06 -43.19
CA ALA B 278 0.62 12.11 -43.10
C ALA B 278 0.04 12.07 -44.51
N GLY B 279 0.64 12.83 -45.41
CA GLY B 279 0.27 12.92 -46.84
C GLY B 279 0.38 11.58 -47.53
N ARG B 280 1.47 10.85 -47.29
CA ARG B 280 1.74 9.51 -47.89
C ARG B 280 0.70 8.48 -47.42
N TYR B 281 0.29 8.50 -46.16
CA TYR B 281 -0.72 7.55 -45.63
C TYR B 281 -2.09 7.98 -46.18
N LEU B 282 -2.34 9.29 -46.25
CA LEU B 282 -3.57 9.89 -46.82
C LEU B 282 -3.70 9.47 -48.28
N ASP B 283 -2.62 9.55 -49.05
CA ASP B 283 -2.60 9.18 -50.49
C ASP B 283 -3.06 7.73 -50.62
N ARG B 284 -2.76 6.88 -49.61
CA ARG B 284 -3.06 5.43 -49.65
C ARG B 284 -4.42 5.14 -48.98
N GLY B 285 -5.19 6.17 -48.60
CA GLY B 285 -6.53 6.01 -48.00
C GLY B 285 -6.46 5.89 -46.47
N LEU B 286 -5.31 6.17 -45.85
CA LEU B 286 -5.08 5.92 -44.39
C LEU B 286 -4.88 7.24 -43.65
N ALA B 287 -5.72 7.51 -42.66
CA ALA B 287 -5.70 8.74 -41.85
C ALA B 287 -5.25 8.39 -40.44
N PHE B 288 -4.27 9.15 -39.94
CA PHE B 288 -3.72 9.06 -38.58
C PHE B 288 -4.64 9.79 -37.60
N VAL B 289 -5.05 9.09 -36.54
CA VAL B 289 -5.42 9.70 -35.24
C VAL B 289 -4.12 9.98 -34.50
N GLN B 290 -3.84 11.25 -34.18
CA GLN B 290 -2.60 11.69 -33.51
C GLN B 290 -2.90 11.93 -32.03
N GLY B 291 -2.12 11.32 -31.14
CA GLY B 291 -2.21 11.45 -29.67
C GLY B 291 -1.01 12.22 -29.17
N TYR B 292 -1.23 13.16 -28.27
CA TYR B 292 -0.19 13.80 -27.44
C TYR B 292 -0.37 13.31 -26.01
N GLY B 293 0.71 12.90 -25.37
CA GLY B 293 0.63 12.52 -23.95
C GLY B 293 1.98 12.28 -23.36
N MET B 294 2.00 11.69 -22.17
CA MET B 294 3.22 11.53 -21.35
C MET B 294 2.98 10.39 -20.36
N THR B 295 4.04 9.79 -19.84
CA THR B 295 3.95 8.69 -18.85
C THR B 295 3.01 9.12 -17.71
N GLU B 296 3.13 10.38 -17.27
CA GLU B 296 2.49 10.88 -16.01
C GLU B 296 0.97 11.04 -16.19
N ALA B 297 0.47 10.87 -17.41
CA ALA B 297 -0.98 10.99 -17.75
C ALA B 297 -1.56 9.64 -18.21
N ALA B 298 -0.78 8.55 -18.12
CA ALA B 298 -1.21 7.14 -18.25
C ALA B 298 -1.73 6.71 -19.64
N PRO B 299 -1.37 7.28 -20.82
CA PRO B 299 -0.68 8.56 -21.01
C PRO B 299 -1.47 9.67 -21.73
N GLY B 300 -2.70 9.39 -22.19
CA GLY B 300 -3.49 10.24 -23.10
C GLY B 300 -3.85 11.58 -22.49
N VAL B 301 -3.72 12.66 -23.28
CA VAL B 301 -3.96 14.07 -22.89
C VAL B 301 -4.69 14.75 -24.04
N LEU B 302 -4.05 14.86 -25.22
CA LEU B 302 -4.71 15.49 -26.40
C LEU B 302 -4.82 14.48 -27.55
N VAL B 303 -5.89 14.63 -28.32
CA VAL B 303 -6.19 13.85 -29.55
C VAL B 303 -6.46 14.84 -30.70
N LEU B 304 -5.77 14.69 -31.82
CA LEU B 304 -6.12 15.32 -33.12
C LEU B 304 -6.81 14.26 -33.97
N ASP B 305 -8.13 14.37 -34.15
CA ASP B 305 -8.92 13.30 -34.82
C ASP B 305 -8.63 13.33 -36.33
N ARG B 306 -8.93 12.22 -37.01
CA ARG B 306 -8.64 11.97 -38.45
C ARG B 306 -9.29 13.07 -39.31
N ALA B 307 -10.43 13.62 -38.87
CA ALA B 307 -11.16 14.73 -39.55
C ALA B 307 -10.29 16.00 -39.65
N HIS B 308 -9.49 16.34 -38.62
CA HIS B 308 -8.70 17.60 -38.54
C HIS B 308 -7.20 17.38 -38.86
N VAL B 309 -6.77 16.16 -39.20
CA VAL B 309 -5.33 15.78 -39.39
C VAL B 309 -4.68 16.74 -40.41
N ALA B 310 -5.39 17.08 -41.49
CA ALA B 310 -4.95 17.99 -42.58
C ALA B 310 -5.25 19.46 -42.22
N GLU B 311 -6.42 19.73 -41.64
CA GLU B 311 -6.98 21.08 -41.37
C GLU B 311 -6.22 21.82 -40.25
N LYS B 312 -5.45 21.08 -39.43
CA LYS B 312 -4.69 21.59 -38.26
C LYS B 312 -3.33 20.87 -38.21
N ILE B 313 -2.51 21.10 -39.23
CA ILE B 313 -1.18 20.44 -39.43
C ILE B 313 -0.31 20.70 -38.20
N GLY B 314 0.28 19.64 -37.63
CA GLY B 314 1.17 19.72 -36.46
C GLY B 314 0.55 20.46 -35.27
N SER B 315 -0.77 20.41 -35.11
CA SER B 315 -1.50 20.60 -33.82
C SER B 315 -1.36 19.30 -33.02
N ALA B 316 -1.22 19.40 -31.70
CA ALA B 316 -1.26 18.23 -30.79
C ALA B 316 -2.73 17.86 -30.50
N GLY B 317 -3.68 18.76 -30.78
CA GLY B 317 -5.12 18.42 -30.76
C GLY B 317 -5.84 19.05 -29.58
N VAL B 318 -7.01 18.48 -29.19
CA VAL B 318 -7.86 18.96 -28.06
C VAL B 318 -7.85 17.95 -26.91
N PRO B 319 -8.27 18.37 -25.70
CA PRO B 319 -8.29 17.49 -24.54
C PRO B 319 -9.18 16.25 -24.72
N SER B 320 -8.70 15.09 -24.27
CA SER B 320 -9.53 13.87 -24.05
C SER B 320 -10.60 14.22 -23.01
N PHE B 321 -11.76 13.56 -23.09
CA PHE B 321 -13.02 13.99 -22.41
C PHE B 321 -12.79 14.20 -20.90
N PHE B 322 -12.23 13.23 -20.16
CA PHE B 322 -12.16 13.27 -18.68
C PHE B 322 -10.92 14.04 -18.20
N THR B 323 -10.14 14.59 -19.12
CA THR B 323 -8.91 15.38 -18.79
C THR B 323 -9.26 16.88 -18.78
N ASP B 324 -8.44 17.72 -18.13
CA ASP B 324 -8.44 19.19 -18.34
C ASP B 324 -7.01 19.58 -18.73
N VAL B 325 -6.86 20.46 -19.71
CA VAL B 325 -5.52 20.88 -20.21
C VAL B 325 -5.56 22.40 -20.39
N ARG B 326 -4.48 23.07 -20.05
CA ARG B 326 -4.32 24.53 -20.10
C ARG B 326 -2.89 24.86 -20.46
N VAL B 327 -2.65 26.02 -21.06
CA VAL B 327 -1.29 26.62 -21.08
C VAL B 327 -1.25 27.64 -19.94
N ALA B 328 -0.26 27.55 -19.06
CA ALA B 328 -0.12 28.39 -17.86
C ALA B 328 1.25 29.09 -17.88
N GLY B 329 1.33 30.29 -17.29
CA GLY B 329 2.59 31.02 -17.09
C GLY B 329 3.45 30.32 -16.05
N PRO B 330 4.62 30.89 -15.66
CA PRO B 330 5.23 30.56 -14.38
C PRO B 330 4.27 31.02 -13.27
N SER B 331 3.51 32.09 -13.54
CA SER B 331 2.45 32.69 -12.68
C SER B 331 1.36 31.66 -12.32
N GLY B 332 1.26 30.56 -13.08
CA GLY B 332 0.33 29.43 -12.82
C GLY B 332 -1.03 29.63 -13.48
N GLU B 333 -1.33 30.85 -13.93
CA GLU B 333 -2.65 31.26 -14.44
C GLU B 333 -2.72 30.93 -15.94
N PRO B 334 -3.91 30.76 -16.53
CA PRO B 334 -4.01 30.63 -17.98
C PRO B 334 -3.41 31.90 -18.61
N VAL B 335 -2.79 31.74 -19.79
CA VAL B 335 -2.16 32.85 -20.56
C VAL B 335 -3.18 33.38 -21.56
N PRO B 336 -3.08 34.66 -22.01
CA PRO B 336 -3.90 35.16 -23.11
C PRO B 336 -3.85 34.23 -24.31
N PRO B 337 -4.99 33.95 -24.99
CA PRO B 337 -5.00 33.00 -26.10
C PRO B 337 -3.99 33.40 -27.18
N GLY B 338 -3.26 32.42 -27.73
CA GLY B 338 -2.17 32.63 -28.71
C GLY B 338 -0.82 32.79 -28.04
N GLU B 339 -0.76 33.23 -26.79
CA GLU B 339 0.52 33.41 -26.04
C GLU B 339 1.09 32.04 -25.64
N LYS B 340 2.40 31.99 -25.39
CA LYS B 340 3.14 30.78 -25.06
C LYS B 340 3.04 30.56 -23.55
N GLY B 341 3.02 29.30 -23.15
CA GLY B 341 3.05 28.88 -21.73
C GLY B 341 3.24 27.38 -21.64
N GLU B 342 3.14 26.84 -20.43
CA GLU B 342 3.45 25.42 -20.20
C GLU B 342 2.15 24.62 -20.20
N ILE B 343 2.07 23.57 -20.99
CA ILE B 343 0.93 22.61 -20.93
C ILE B 343 0.95 21.99 -19.53
N VAL B 344 -0.17 22.11 -18.84
CA VAL B 344 -0.40 21.48 -17.52
C VAL B 344 -1.66 20.63 -17.70
N VAL B 345 -1.64 19.43 -17.12
CA VAL B 345 -2.71 18.40 -17.27
C VAL B 345 -3.29 18.07 -15.91
N SER B 346 -4.58 17.83 -15.88
CA SER B 346 -5.36 17.47 -14.68
C SER B 346 -6.39 16.39 -15.06
N GLY B 347 -6.63 15.43 -14.19
CA GLY B 347 -7.76 14.47 -14.32
C GLY B 347 -7.44 13.10 -13.73
N PRO B 348 -8.42 12.15 -13.81
CA PRO B 348 -8.28 10.86 -13.13
C PRO B 348 -7.23 9.94 -13.77
N ASN B 349 -6.77 10.30 -14.96
CA ASN B 349 -5.65 9.60 -15.64
C ASN B 349 -4.30 10.05 -15.10
N VAL B 350 -4.25 11.14 -14.32
CA VAL B 350 -2.96 11.76 -13.88
C VAL B 350 -2.45 11.07 -12.61
N MET B 351 -1.13 10.84 -12.58
CA MET B 351 -0.40 9.92 -11.68
C MET B 351 -0.56 10.35 -10.23
N LYS B 352 -0.31 9.41 -9.33
CA LYS B 352 -0.24 9.69 -7.86
C LYS B 352 1.02 10.54 -7.59
N GLY B 353 2.12 10.31 -8.32
CA GLY B 353 3.42 10.94 -8.08
C GLY B 353 4.57 10.03 -8.47
N TYR B 354 5.82 10.49 -8.28
CA TYR B 354 7.08 9.74 -8.56
C TYR B 354 7.47 8.94 -7.29
N TRP B 355 7.64 7.62 -7.43
CA TRP B 355 7.92 6.63 -6.34
C TRP B 355 9.08 7.08 -5.45
N GLY B 356 8.80 7.40 -4.19
CA GLY B 356 9.80 7.81 -3.19
C GLY B 356 10.53 9.12 -3.52
N ARG B 357 9.95 10.00 -4.34
CA ARG B 357 10.51 11.33 -4.69
C ARG B 357 9.40 12.36 -4.50
N PRO B 358 9.02 12.65 -3.25
CA PRO B 358 7.87 13.54 -3.01
C PRO B 358 8.18 15.02 -3.35
N GLU B 359 9.42 15.49 -3.16
CA GLU B 359 9.82 16.90 -3.44
C GLU B 359 9.85 17.14 -4.95
N ALA B 360 10.46 16.22 -5.69
CA ALA B 360 10.51 16.24 -7.17
C ALA B 360 9.07 16.23 -7.69
N THR B 361 8.19 15.47 -7.05
CA THR B 361 6.75 15.40 -7.42
C THR B 361 6.14 16.79 -7.25
N ALA B 362 6.39 17.45 -6.12
CA ALA B 362 5.76 18.75 -5.74
C ALA B 362 6.18 19.88 -6.69
N GLU B 363 7.40 19.84 -7.24
CA GLU B 363 7.85 20.80 -8.29
C GLU B 363 6.91 20.74 -9.50
N VAL B 364 6.28 19.60 -9.75
CA VAL B 364 5.67 19.34 -11.09
C VAL B 364 4.19 18.91 -10.96
N LEU B 365 3.74 18.50 -9.78
CA LEU B 365 2.35 18.06 -9.51
C LEU B 365 1.80 18.78 -8.28
N ARG B 366 0.64 19.39 -8.39
CA ARG B 366 0.09 20.31 -7.36
C ARG B 366 -1.39 20.55 -7.67
N ASP B 367 -2.28 20.31 -6.72
CA ASP B 367 -3.73 20.58 -6.90
C ASP B 367 -4.27 19.74 -8.07
N GLY B 368 -3.72 18.55 -8.31
CA GLY B 368 -4.15 17.68 -9.43
C GLY B 368 -3.57 18.08 -10.77
N TRP B 369 -2.72 19.13 -10.85
CA TRP B 369 -2.17 19.67 -12.11
C TRP B 369 -0.70 19.27 -12.28
N PHE B 370 -0.41 18.64 -13.41
CA PHE B 370 0.94 18.14 -13.74
C PHE B 370 1.57 19.06 -14.79
N ARG B 371 2.82 19.46 -14.57
CA ARG B 371 3.60 20.31 -15.50
C ARG B 371 4.33 19.40 -16.50
N SER B 372 3.88 19.40 -17.77
CA SER B 372 4.38 18.58 -18.91
C SER B 372 5.84 18.87 -19.24
N GLY B 373 6.33 20.08 -18.97
CA GLY B 373 7.65 20.55 -19.46
C GLY B 373 7.58 20.90 -20.95
N ASP B 374 6.38 21.08 -21.50
CA ASP B 374 6.14 21.43 -22.93
C ASP B 374 5.64 22.88 -23.02
N VAL B 375 6.34 23.71 -23.81
CA VAL B 375 5.89 25.10 -24.15
C VAL B 375 4.85 24.96 -25.25
N ALA B 376 3.73 25.66 -25.17
CA ALA B 376 2.73 25.58 -26.24
C ALA B 376 1.92 26.86 -26.33
N THR B 377 1.11 26.90 -27.38
CA THR B 377 0.08 27.94 -27.64
C THR B 377 -1.26 27.22 -27.85
N VAL B 378 -2.36 27.87 -27.52
CA VAL B 378 -3.74 27.40 -27.80
C VAL B 378 -4.37 28.39 -28.77
N ASP B 379 -4.82 27.93 -29.93
CA ASP B 379 -5.43 28.78 -30.99
C ASP B 379 -6.89 29.09 -30.61
N GLY B 380 -7.62 29.78 -31.49
CA GLY B 380 -9.00 30.25 -31.20
C GLY B 380 -9.99 29.10 -31.07
N ASP B 381 -9.67 27.94 -31.64
CA ASP B 381 -10.55 26.75 -31.65
C ASP B 381 -10.18 25.78 -30.53
N GLY B 382 -9.30 26.18 -29.61
CA GLY B 382 -8.87 25.35 -28.46
C GLY B 382 -7.95 24.21 -28.85
N TYR B 383 -7.31 24.30 -30.03
CA TYR B 383 -6.29 23.37 -30.53
C TYR B 383 -4.93 23.87 -30.04
N PHE B 384 -4.16 22.93 -29.49
CA PHE B 384 -2.83 23.14 -28.88
C PHE B 384 -1.77 22.94 -29.97
N HIS B 385 -0.63 23.61 -29.79
CA HIS B 385 0.54 23.64 -30.72
C HIS B 385 1.78 23.60 -29.83
N VAL B 386 2.44 22.46 -29.86
CA VAL B 386 3.68 22.25 -29.07
C VAL B 386 4.74 23.04 -29.83
N VAL B 387 5.48 23.83 -29.07
CA VAL B 387 6.57 24.69 -29.57
C VAL B 387 7.87 23.97 -29.26
N ASP B 388 8.07 23.57 -28.00
CA ASP B 388 9.42 23.12 -27.57
C ASP B 388 9.35 22.56 -26.14
N ARG B 389 10.49 22.04 -25.66
CA ARG B 389 10.71 21.61 -24.26
C ARG B 389 11.22 22.82 -23.44
N LEU B 390 10.46 23.22 -22.44
CA LEU B 390 10.79 24.34 -21.50
C LEU B 390 12.26 24.27 -21.06
N LYS B 391 12.85 23.08 -20.97
CA LYS B 391 14.26 22.87 -20.52
C LYS B 391 15.24 23.34 -21.60
N ASP B 392 14.83 23.41 -22.88
CA ASP B 392 15.71 23.77 -24.02
C ASP B 392 15.71 25.30 -24.20
N MET B 393 14.71 25.99 -23.67
CA MET B 393 14.49 27.46 -23.80
C MET B 393 15.80 28.24 -23.53
N ILE B 394 16.13 29.19 -24.40
CA ILE B 394 17.31 30.09 -24.26
C ILE B 394 16.78 31.47 -23.85
N ILE B 395 17.45 32.14 -22.91
CA ILE B 395 17.07 33.49 -22.40
C ILE B 395 18.17 34.50 -22.79
N SER B 396 17.89 35.37 -23.75
CA SER B 396 18.88 36.28 -24.38
C SER B 396 18.39 37.72 -24.24
N GLY B 397 19.08 38.52 -23.43
CA GLY B 397 18.63 39.86 -23.02
C GLY B 397 17.19 39.83 -22.55
N GLY B 398 16.80 38.82 -21.76
CA GLY B 398 15.49 38.73 -21.09
C GLY B 398 14.39 38.28 -22.05
N GLU B 399 14.77 37.83 -23.25
CA GLU B 399 13.83 37.34 -24.32
C GLU B 399 14.00 35.83 -24.50
N ASN B 400 12.87 35.13 -24.65
CA ASN B 400 12.82 33.65 -24.77
C ASN B 400 13.17 33.26 -26.21
N ILE B 401 14.09 32.32 -26.37
CA ILE B 401 14.39 31.69 -27.69
C ILE B 401 14.06 30.20 -27.55
N TYR B 402 13.20 29.71 -28.44
CA TYR B 402 12.82 28.28 -28.55
C TYR B 402 13.69 27.67 -29.65
N PRO B 403 14.77 26.93 -29.27
CA PRO B 403 15.64 26.29 -30.25
C PRO B 403 14.90 25.59 -31.40
N ALA B 404 13.79 24.88 -31.09
CA ALA B 404 13.03 24.05 -32.06
C ALA B 404 12.48 24.93 -33.18
N GLU B 405 12.17 26.20 -32.90
CA GLU B 405 11.72 27.21 -33.90
C GLU B 405 12.88 27.57 -34.81
N VAL B 406 14.05 27.87 -34.23
CA VAL B 406 15.28 28.26 -34.97
C VAL B 406 15.74 27.04 -35.76
N GLU B 407 15.84 25.89 -35.11
CA GLU B 407 16.20 24.59 -35.73
C GLU B 407 15.33 24.36 -36.96
N ASN B 408 14.01 24.50 -36.80
CA ASN B 408 13.01 24.21 -37.85
C ASN B 408 13.25 25.09 -39.07
N GLU B 409 13.73 26.33 -38.90
CA GLU B 409 14.15 27.18 -40.06
C GLU B 409 15.42 26.62 -40.70
N LEU B 410 16.46 26.29 -39.90
CA LEU B 410 17.76 25.73 -40.37
C LEU B 410 17.56 24.49 -41.28
N TYR B 411 16.49 23.71 -41.10
CA TYR B 411 16.16 22.48 -41.88
C TYR B 411 15.62 22.84 -43.27
N GLY B 412 15.21 24.10 -43.49
CA GLY B 412 14.83 24.63 -44.81
C GLY B 412 16.05 24.94 -45.68
N TYR B 413 17.25 24.92 -45.09
CA TYR B 413 18.54 25.21 -45.76
C TYR B 413 19.08 23.92 -46.40
N PRO B 414 19.70 23.97 -47.61
CA PRO B 414 20.11 22.75 -48.31
C PRO B 414 21.00 21.80 -47.51
N GLU B 417 20.67 18.67 -43.01
CA GLU B 417 20.72 17.20 -42.68
C GLU B 417 20.17 16.99 -41.26
N ALA B 418 20.87 17.54 -40.27
CA ALA B 418 20.55 17.50 -38.82
C ALA B 418 21.18 18.72 -38.16
N CYS B 419 20.46 19.38 -37.24
CA CYS B 419 20.94 20.59 -36.49
C CYS B 419 20.40 20.61 -35.05
N ALA B 420 21.19 21.21 -34.15
CA ALA B 420 20.76 21.59 -32.79
C ALA B 420 21.16 23.05 -32.55
N VAL B 421 20.26 23.82 -31.93
CA VAL B 421 20.56 25.19 -31.42
C VAL B 421 20.63 25.12 -29.89
N ILE B 422 21.69 25.66 -29.29
CA ILE B 422 21.93 25.56 -27.82
C ILE B 422 22.26 26.94 -27.25
N GLY B 423 21.92 27.16 -25.99
CA GLY B 423 22.30 28.36 -25.21
C GLY B 423 23.78 28.35 -24.89
N VAL B 424 24.41 29.53 -24.88
CA VAL B 424 25.87 29.72 -24.66
C VAL B 424 26.05 31.03 -23.89
N PRO B 425 26.72 31.02 -22.72
CA PRO B 425 26.97 32.27 -21.99
C PRO B 425 27.44 33.40 -22.93
N ASP B 426 27.12 34.64 -22.52
CA ASP B 426 27.51 35.90 -23.19
C ASP B 426 27.73 36.96 -22.11
N PRO B 427 28.81 37.77 -22.18
CA PRO B 427 29.10 38.76 -21.14
C PRO B 427 27.96 39.76 -20.87
N ARG B 428 27.15 40.12 -21.87
CA ARG B 428 26.15 41.23 -21.76
C ARG B 428 24.70 40.76 -22.03
N TRP B 429 24.45 39.60 -22.66
CA TRP B 429 23.06 39.11 -22.91
C TRP B 429 22.69 37.93 -22.01
N GLY B 430 23.63 37.38 -21.22
CA GLY B 430 23.40 36.26 -20.28
C GLY B 430 23.44 34.91 -20.98
N GLU B 431 22.89 34.85 -22.20
CA GLU B 431 22.82 33.64 -23.05
C GLU B 431 22.63 34.11 -24.51
N VAL B 432 23.14 33.32 -25.45
CA VAL B 432 23.10 33.59 -26.91
C VAL B 432 23.04 32.25 -27.63
N GLY B 433 22.44 32.23 -28.82
CA GLY B 433 22.26 31.02 -29.64
C GLY B 433 23.57 30.56 -30.24
N LYS B 434 23.69 29.26 -30.48
CA LYS B 434 24.87 28.62 -31.12
C LYS B 434 24.32 27.44 -31.91
N ALA B 435 24.32 27.52 -33.24
CA ALA B 435 23.86 26.41 -34.11
C ALA B 435 24.99 25.39 -34.19
N VAL B 436 24.65 24.10 -34.02
CA VAL B 436 25.54 22.95 -34.32
C VAL B 436 24.93 22.20 -35.50
N VAL B 437 25.63 22.15 -36.64
CA VAL B 437 25.09 21.58 -37.92
C VAL B 437 26.03 20.48 -38.42
N VAL B 438 25.46 19.37 -38.89
CA VAL B 438 26.10 18.36 -39.77
C VAL B 438 25.61 18.60 -41.20
N PRO B 439 26.54 18.74 -42.17
CA PRO B 439 26.17 18.77 -43.59
C PRO B 439 25.96 17.37 -44.19
N ASP B 446 28.84 23.58 -48.81
CA ASP B 446 28.82 22.59 -47.69
C ASP B 446 29.07 23.32 -46.36
N GLY B 447 28.69 24.61 -46.28
CA GLY B 447 29.00 25.50 -45.15
C GLY B 447 28.91 26.98 -45.53
N ALA B 448 29.78 27.81 -44.96
CA ALA B 448 29.76 29.30 -45.01
C ALA B 448 28.88 29.84 -43.87
N GLU B 449 28.93 31.16 -43.64
CA GLU B 449 28.13 31.88 -42.60
C GLU B 449 26.83 32.39 -43.25
N LEU B 450 25.85 31.50 -43.48
CA LEU B 450 24.44 31.85 -43.83
C LEU B 450 23.57 31.68 -42.57
N LEU B 451 24.00 32.32 -41.49
CA LEU B 451 23.13 32.94 -40.46
C LEU B 451 22.35 34.10 -41.10
N ALA B 452 22.86 34.65 -42.21
CA ALA B 452 22.26 35.76 -42.99
C ALA B 452 20.91 35.33 -43.54
N TRP B 453 20.77 34.05 -43.93
CA TRP B 453 19.47 33.47 -44.35
C TRP B 453 18.51 33.42 -43.16
N LEU B 454 19.00 33.05 -41.97
CA LEU B 454 18.18 32.98 -40.73
C LEU B 454 17.67 34.38 -40.40
N ARG B 455 18.46 35.40 -40.71
CA ARG B 455 18.10 36.83 -40.45
C ARG B 455 16.95 37.24 -41.38
N THR B 456 16.75 36.56 -42.51
CA THR B 456 15.61 36.79 -43.43
C THR B 456 14.34 36.12 -42.87
N ARG B 457 14.47 35.22 -41.89
CA ARG B 457 13.42 34.25 -41.47
C ARG B 457 12.99 34.46 -40.00
N LEU B 458 13.87 35.00 -39.14
CA LEU B 458 13.63 35.08 -37.67
C LEU B 458 13.79 36.51 -37.15
N ALA B 459 13.04 36.85 -36.09
CA ALA B 459 13.34 37.94 -35.14
C ALA B 459 14.86 37.96 -34.88
N GLY B 460 15.53 39.10 -35.06
CA GLY B 460 16.98 39.18 -34.91
C GLY B 460 17.45 38.43 -33.67
N TYR B 461 16.88 38.74 -32.50
CA TYR B 461 17.35 38.23 -31.19
C TYR B 461 17.29 36.69 -31.14
N LYS B 462 16.51 36.04 -32.00
CA LYS B 462 16.40 34.56 -32.06
C LYS B 462 17.54 33.94 -32.88
N VAL B 463 18.27 34.73 -33.66
CA VAL B 463 19.30 34.18 -34.60
C VAL B 463 20.54 33.81 -33.79
N PRO B 464 21.05 32.56 -33.93
CA PRO B 464 22.30 32.17 -33.28
C PRO B 464 23.45 33.09 -33.69
N LYS B 465 24.32 33.49 -32.74
CA LYS B 465 25.45 34.44 -32.99
C LYS B 465 26.69 33.69 -33.50
N SER B 466 26.67 32.35 -33.55
CA SER B 466 27.79 31.47 -34.01
C SER B 466 27.21 30.17 -34.56
N VAL B 467 27.93 29.51 -35.48
CA VAL B 467 27.51 28.20 -36.06
C VAL B 467 28.74 27.28 -36.20
N GLU B 468 28.75 26.15 -35.48
CA GLU B 468 29.82 25.12 -35.55
C GLU B 468 29.33 23.95 -36.41
N PHE B 469 30.13 23.57 -37.42
CA PHE B 469 29.93 22.37 -38.27
C PHE B 469 30.61 21.16 -37.62
N THR B 470 29.99 20.00 -37.76
CA THR B 470 30.48 18.70 -37.21
C THR B 470 30.12 17.59 -38.20
N ASP B 471 30.47 16.35 -37.87
CA ASP B 471 30.36 15.16 -38.75
C ASP B 471 29.12 14.35 -38.33
N ARG B 472 28.93 14.12 -37.03
CA ARG B 472 27.73 13.44 -36.47
C ARG B 472 27.33 14.11 -35.15
N LEU B 473 26.10 13.87 -34.70
CA LEU B 473 25.51 14.41 -33.45
C LEU B 473 24.88 13.26 -32.66
N PRO B 474 24.78 13.33 -31.31
CA PRO B 474 24.14 12.26 -30.54
C PRO B 474 22.67 12.06 -30.90
N THR B 475 22.41 11.42 -32.05
CA THR B 475 21.07 11.20 -32.67
C THR B 475 20.65 9.73 -32.51
N THR B 476 20.83 9.16 -31.32
CA THR B 476 20.50 7.74 -30.98
C THR B 476 19.05 7.66 -30.50
N GLY B 477 18.43 8.81 -30.20
CA GLY B 477 17.12 8.94 -29.53
C GLY B 477 16.02 8.24 -30.31
N SER B 478 16.15 8.21 -31.65
CA SER B 478 15.35 7.39 -32.58
C SER B 478 13.86 7.77 -32.46
N LEU B 482 17.22 14.27 -31.32
CA LEU B 482 18.60 14.63 -30.87
C LEU B 482 18.63 14.80 -29.35
N LYS B 483 19.81 14.65 -28.72
CA LYS B 483 19.99 14.70 -27.24
C LYS B 483 20.64 16.04 -26.83
N GLY B 484 20.08 16.74 -25.84
CA GLY B 484 20.64 18.00 -25.30
C GLY B 484 21.97 17.81 -24.58
N GLU B 485 22.70 16.72 -24.86
CA GLU B 485 24.12 16.50 -24.48
C GLU B 485 25.02 17.21 -25.51
N VAL B 486 24.42 17.79 -26.55
CA VAL B 486 25.08 18.74 -27.50
C VAL B 486 25.67 19.88 -26.67
N ARG B 487 24.99 20.27 -25.59
CA ARG B 487 25.44 21.27 -24.59
C ARG B 487 26.87 20.95 -24.16
N ARG B 488 27.10 19.70 -23.74
CA ARG B 488 28.42 19.17 -23.29
C ARG B 488 29.50 19.46 -24.34
N ARG B 489 29.16 19.44 -25.64
CA ARG B 489 30.03 19.92 -26.76
C ARG B 489 29.51 21.29 -27.21
N PHE B 490 29.53 22.26 -26.27
CA PHE B 490 29.08 23.66 -26.39
C PHE B 490 29.55 24.26 -27.72
P AMP C . -7.54 -9.55 21.83
O1P AMP C . -7.13 -8.50 22.81
O2P AMP C . -6.53 -10.69 21.70
O3P AMP C . -7.93 -9.00 20.48
O5' AMP C . -8.88 -10.22 22.46
C5' AMP C . -10.10 -9.47 22.52
C4' AMP C . -11.12 -10.26 23.30
O4' AMP C . -10.78 -10.24 24.72
C3' AMP C . -12.54 -9.68 23.25
O3' AMP C . -13.18 -10.01 22.04
C2' AMP C . -13.16 -10.33 24.51
O2' AMP C . -13.57 -11.65 24.31
C1' AMP C . -11.98 -10.27 25.47
N9 AMP C . -12.05 -9.08 26.31
C8 AMP C . -11.31 -7.93 26.22
N7 AMP C . -11.64 -7.03 27.11
C5 AMP C . -12.67 -7.62 27.83
C6 AMP C . -13.46 -7.19 28.93
N6 AMP C . -13.32 -6.01 29.51
N1 AMP C . -14.41 -8.04 29.40
C2 AMP C . -14.55 -9.24 28.80
N3 AMP C . -13.87 -9.75 27.79
C4 AMP C . -12.93 -8.89 27.34
MG MG D . -8.48 -16.64 2.63
MG MG E . 11.46 12.56 33.16
MG MG F . 0.49 -13.89 24.88
P AMP G . 7.16 10.21 -22.60
O1P AMP G . 6.43 10.29 -21.26
O2P AMP G . 8.56 9.63 -22.50
O3P AMP G . 6.30 9.53 -23.66
O5' AMP G . 7.36 11.75 -23.13
C5' AMP G . 6.24 12.49 -23.67
C4' AMP G . 6.72 13.79 -24.27
O4' AMP G . 6.99 13.61 -25.69
C3' AMP G . 5.72 14.96 -24.21
O3' AMP G . 5.76 15.65 -22.97
C2' AMP G . 6.22 15.81 -25.39
O2' AMP G . 7.38 16.54 -25.11
C1' AMP G . 6.51 14.73 -26.41
N9 AMP G . 5.32 14.34 -27.18
C8 AMP G . 4.54 13.23 -27.00
N7 AMP G . 3.55 13.14 -27.85
C5 AMP G . 3.69 14.27 -28.65
C6 AMP G . 2.95 14.74 -29.75
N6 AMP G . 1.89 14.12 -30.24
N1 AMP G . 3.36 15.90 -30.32
C2 AMP G . 4.43 16.52 -29.82
N3 AMP G . 5.21 16.16 -28.80
C4 AMP G . 4.78 15.02 -28.25
MG MG H . 13.06 13.83 -3.40
#